data_5DEO
#
_entry.id   5DEO
#
_cell.length_a   71.090
_cell.length_b   58.438
_cell.length_c   109.884
_cell.angle_alpha   90.000
_cell.angle_beta   90.740
_cell.angle_gamma   90.000
#
_symmetry.space_group_name_H-M   'P 1 21 1'
#
loop_
_entity.id
_entity.type
_entity.pdbx_description
1 polymer 'Nicotinate-nucleotide adenylyltransferase'
2 non-polymer 'NICOTINIC ACID ADENINE DINUCLEOTIDE'
3 water water
#
_entity_poly.entity_id   1
_entity_poly.type   'polypeptide(L)'
_entity_poly.pdbx_seq_one_letter_code
;GPGSMVQSERRRLGVMGGTFDPIHNGHLVAASEVADRFALDEVIFVPTGQPWQKQGRKVSPAEHRYLMTVIATASNPRFT
VSRADIDRGGATYTVDTLTDLRTAHPDADLYFITGADALASILSWENWEQLFTLAKFIGVSRPGYELSSDHIAHAELPPD
GLSLVEVPALAISSTDCRIRAGQARPIWYLVPDGVVQYVAKHRLYSGNKGNQGGLA
;
_entity_poly.pdbx_strand_id   A,B,C,D
#
loop_
_chem_comp.id
_chem_comp.type
_chem_comp.name
_chem_comp.formula
DND non-polymer 'NICOTINIC ACID ADENINE DINUCLEOTIDE' 'C21 H27 N6 O15 P2 1'
#
# COMPACT_ATOMS: atom_id res chain seq x y z
N GLU A 9 33.85 17.66 2.43
CA GLU A 9 32.86 16.71 1.83
C GLU A 9 32.12 15.96 2.94
N ARG A 10 31.08 16.60 3.47
CA ARG A 10 30.26 16.04 4.54
C ARG A 10 29.13 15.18 3.99
N ARG A 11 28.28 14.64 4.87
CA ARG A 11 27.19 13.78 4.42
C ARG A 11 26.13 14.56 3.65
N ARG A 12 25.54 13.89 2.67
CA ARG A 12 24.73 14.53 1.65
C ARG A 12 23.24 14.41 1.93
N LEU A 13 22.58 15.53 2.17
CA LEU A 13 21.13 15.57 2.31
C LEU A 13 20.50 16.23 1.09
N GLY A 14 19.63 15.50 0.39
CA GLY A 14 18.83 16.05 -0.69
C GLY A 14 17.71 16.89 -0.10
N VAL A 15 17.35 17.95 -0.79
CA VAL A 15 16.20 18.77 -0.42
C VAL A 15 15.37 19.01 -1.69
N MET A 16 14.09 18.66 -1.64
CA MET A 16 13.19 18.95 -2.74
C MET A 16 12.00 19.80 -2.30
N GLY A 17 12.01 21.06 -2.69
CA GLY A 17 10.92 21.96 -2.39
C GLY A 17 9.84 21.91 -3.46
N GLY A 18 8.61 22.20 -3.05
CA GLY A 18 7.50 22.27 -3.99
C GLY A 18 6.15 22.55 -3.34
N THR A 19 5.20 22.97 -4.15
CA THR A 19 3.82 23.17 -3.70
C THR A 19 3.20 21.79 -3.38
N PHE A 20 3.51 20.78 -4.19
CA PHE A 20 2.99 19.42 -4.01
C PHE A 20 1.46 19.43 -3.86
N ASP A 21 0.81 19.80 -4.95
CA ASP A 21 -0.61 20.00 -4.96
C ASP A 21 -1.23 19.43 -6.25
N PRO A 22 -1.12 18.12 -6.45
CA PRO A 22 -0.54 17.18 -5.52
C PRO A 22 0.88 16.82 -5.90
N ILE A 23 1.60 16.20 -4.97
CA ILE A 23 2.79 15.44 -5.33
C ILE A 23 2.43 14.30 -6.30
N HIS A 24 3.30 14.02 -7.25
CA HIS A 24 3.10 13.03 -8.27
C HIS A 24 4.38 12.22 -8.52
N ASN A 25 4.26 11.23 -9.39
CA ASN A 25 5.35 10.32 -9.67
C ASN A 25 6.56 10.97 -10.33
N GLY A 26 6.32 11.99 -11.15
CA GLY A 26 7.38 12.89 -11.62
C GLY A 26 8.32 13.46 -10.56
N HIS A 27 7.76 13.99 -9.49
CA HIS A 27 8.56 14.52 -8.38
C HIS A 27 9.38 13.41 -7.76
N LEU A 28 8.74 12.25 -7.59
CA LEU A 28 9.26 11.16 -6.80
C LEU A 28 10.31 10.39 -7.56
N VAL A 29 10.12 10.16 -8.85
CA VAL A 29 11.18 9.55 -9.68
C VAL A 29 12.44 10.45 -9.81
N ALA A 30 12.24 11.78 -9.82
CA ALA A 30 13.35 12.74 -9.90
C ALA A 30 14.21 12.66 -8.65
N ALA A 31 13.55 12.74 -7.50
CA ALA A 31 14.20 12.60 -6.20
C ALA A 31 14.93 11.26 -6.05
N SER A 32 14.25 10.18 -6.45
CA SER A 32 14.83 8.83 -6.42
C SER A 32 16.09 8.66 -7.28
N GLU A 33 16.05 9.16 -8.50
CA GLU A 33 17.19 9.07 -9.42
C GLU A 33 18.37 9.88 -8.94
N VAL A 34 18.09 11.07 -8.43
CA VAL A 34 19.11 11.95 -7.86
C VAL A 34 19.74 11.35 -6.60
N ALA A 35 18.91 10.80 -5.72
CA ALA A 35 19.37 10.08 -4.54
C ALA A 35 20.38 8.98 -4.90
N ASP A 36 20.12 8.28 -6.00
CA ASP A 36 21.00 7.23 -6.46
C ASP A 36 22.27 7.78 -7.10
N ARG A 37 22.10 8.69 -8.06
CA ARG A 37 23.25 9.27 -8.79
C ARG A 37 24.19 10.12 -7.92
N PHE A 38 23.73 10.62 -6.78
CA PHE A 38 24.58 11.40 -5.86
C PHE A 38 24.77 10.75 -4.49
N ALA A 39 24.44 9.46 -4.35
CA ALA A 39 24.56 8.76 -3.07
C ALA A 39 24.08 9.60 -1.86
N LEU A 40 22.93 10.23 -2.03
CA LEU A 40 22.25 10.91 -0.93
C LEU A 40 21.69 9.80 -0.05
N ASP A 41 21.83 9.94 1.27
CA ASP A 41 21.27 8.94 2.20
C ASP A 41 19.90 9.38 2.75
N GLU A 42 19.42 10.54 2.30
CA GLU A 42 18.07 11.00 2.60
C GLU A 42 17.68 12.09 1.59
N VAL A 43 16.41 12.15 1.20
CA VAL A 43 15.84 13.35 0.56
C VAL A 43 14.77 13.94 1.46
N ILE A 44 14.87 15.25 1.73
CA ILE A 44 13.85 15.96 2.51
C ILE A 44 12.92 16.74 1.59
N PHE A 45 11.65 16.35 1.60
CA PHE A 45 10.63 17.01 0.84
C PHE A 45 10.04 18.15 1.67
N VAL A 46 10.01 19.35 1.09
CA VAL A 46 9.54 20.55 1.79
C VAL A 46 8.35 21.17 1.04
N PRO A 47 7.12 20.91 1.48
CA PRO A 47 6.00 21.66 0.91
C PRO A 47 6.10 23.14 1.27
N THR A 48 5.85 24.00 0.30
CA THR A 48 5.86 25.44 0.52
C THR A 48 4.71 25.86 1.42
N GLY A 49 4.86 27.01 2.07
CA GLY A 49 3.77 27.63 2.84
C GLY A 49 2.72 28.22 1.94
N GLN A 50 1.54 28.57 2.48
CA GLN A 50 0.51 29.30 1.68
C GLN A 50 0.98 30.72 1.40
N GLY A 56 -4.08 33.90 -7.83
CA GLY A 56 -5.23 33.52 -8.63
C GLY A 56 -5.78 32.16 -8.22
N ARG A 57 -5.07 31.10 -8.60
CA ARG A 57 -5.45 29.73 -8.26
C ARG A 57 -5.46 29.54 -6.76
N LYS A 58 -6.50 28.89 -6.26
CA LYS A 58 -6.63 28.53 -4.85
C LYS A 58 -5.74 27.32 -4.55
N VAL A 59 -4.58 27.56 -3.95
CA VAL A 59 -3.68 26.49 -3.54
C VAL A 59 -4.36 25.73 -2.42
N SER A 60 -4.32 24.40 -2.48
CA SER A 60 -4.87 23.58 -1.39
C SER A 60 -4.22 23.92 -0.05
N PRO A 61 -4.97 23.79 1.07
CA PRO A 61 -4.43 24.05 2.40
C PRO A 61 -3.13 23.30 2.67
N ALA A 62 -2.21 23.97 3.34
CA ALA A 62 -0.90 23.44 3.67
C ALA A 62 -0.91 22.07 4.32
N GLU A 63 -1.86 21.85 5.23
CA GLU A 63 -1.97 20.56 5.91
C GLU A 63 -2.27 19.41 4.95
N HIS A 64 -3.14 19.65 3.97
CA HIS A 64 -3.39 18.65 2.91
C HIS A 64 -2.18 18.36 2.03
N ARG A 65 -1.45 19.42 1.66
CA ARG A 65 -0.25 19.28 0.83
C ARG A 65 0.85 18.54 1.58
N TYR A 66 1.01 18.88 2.85
CA TYR A 66 1.92 18.18 3.75
C TYR A 66 1.57 16.69 3.91
N LEU A 67 0.32 16.41 4.21
CA LEU A 67 -0.11 15.04 4.42
C LEU A 67 -0.01 14.18 3.17
N MET A 68 -0.39 14.73 2.02
CA MET A 68 -0.24 13.99 0.75
C MET A 68 1.23 13.66 0.50
N THR A 69 2.11 14.63 0.74
CA THR A 69 3.54 14.41 0.61
C THR A 69 4.07 13.35 1.59
N VAL A 70 3.59 13.39 2.83
CA VAL A 70 3.93 12.35 3.81
C VAL A 70 3.47 10.97 3.35
N ILE A 71 2.23 10.87 2.89
CA ILE A 71 1.68 9.59 2.42
C ILE A 71 2.46 9.08 1.21
N ALA A 72 2.74 9.97 0.27
CA ALA A 72 3.45 9.63 -0.96
C ALA A 72 4.87 9.11 -0.74
N THR A 73 5.58 9.68 0.23
CA THR A 73 6.97 9.35 0.51
C THR A 73 7.14 8.28 1.58
N ALA A 74 6.06 7.88 2.24
CA ALA A 74 6.10 6.99 3.38
C ALA A 74 6.86 5.70 3.10
N SER A 75 6.58 5.10 1.94
CA SER A 75 7.09 3.76 1.63
C SER A 75 8.58 3.76 1.28
N ASN A 76 9.13 4.90 0.88
CA ASN A 76 10.55 4.97 0.53
C ASN A 76 11.41 5.15 1.80
N PRO A 77 12.34 4.21 2.07
CA PRO A 77 13.30 4.31 3.20
C PRO A 77 14.06 5.64 3.31
N ARG A 78 14.40 6.25 2.18
CA ARG A 78 15.27 7.44 2.19
C ARG A 78 14.54 8.79 2.10
N PHE A 79 13.21 8.80 2.12
CA PHE A 79 12.46 10.04 1.92
C PHE A 79 11.79 10.49 3.22
N THR A 80 11.93 11.77 3.56
CA THR A 80 11.23 12.39 4.68
C THR A 80 10.61 13.72 4.26
N VAL A 81 9.76 14.29 5.11
CA VAL A 81 9.06 15.54 4.85
C VAL A 81 9.32 16.52 6.00
N SER A 82 9.51 17.80 5.68
CA SER A 82 9.71 18.82 6.71
C SER A 82 8.57 19.82 6.67
N ARG A 83 8.15 20.26 7.86
CA ARG A 83 7.19 21.36 7.99
C ARG A 83 7.83 22.75 8.05
N ALA A 84 9.15 22.85 7.81
CA ALA A 84 9.87 24.13 7.91
C ALA A 84 9.18 25.29 7.20
N ASP A 85 8.77 25.10 5.94
CA ASP A 85 8.14 26.20 5.19
C ASP A 85 6.72 26.48 5.66
N ILE A 86 5.96 25.43 5.94
CA ILE A 86 4.57 25.58 6.40
C ILE A 86 4.49 26.28 7.77
N ASP A 87 5.39 25.93 8.67
CA ASP A 87 5.42 26.53 10.00
C ASP A 87 6.09 27.90 10.09
N ARG A 88 6.92 28.27 9.10
CA ARG A 88 7.60 29.56 9.11
C ARG A 88 6.62 30.75 8.97
N GLY A 89 5.61 30.60 8.13
CA GLY A 89 4.65 31.68 7.93
C GLY A 89 5.16 32.70 6.94
N GLY A 90 4.23 33.33 6.23
CA GLY A 90 4.57 34.30 5.19
C GLY A 90 5.04 33.63 3.91
N ALA A 91 5.69 34.42 3.07
CA ALA A 91 6.16 33.95 1.77
C ALA A 91 7.26 32.91 1.93
N THR A 92 7.15 31.78 1.23
CA THR A 92 8.23 30.79 1.20
C THR A 92 9.34 31.23 0.24
N TYR A 93 10.55 31.34 0.78
CA TYR A 93 11.75 31.58 -0.01
C TYR A 93 12.73 30.46 0.29
N THR A 94 13.40 29.96 -0.74
CA THR A 94 14.33 28.84 -0.58
C THR A 94 15.55 29.17 0.28
N VAL A 95 15.95 30.45 0.31
CA VAL A 95 17.06 30.87 1.18
C VAL A 95 16.72 30.55 2.64
N ASP A 96 15.49 30.90 3.06
CA ASP A 96 14.97 30.60 4.41
C ASP A 96 14.81 29.12 4.67
N THR A 97 14.31 28.39 3.67
CA THR A 97 14.29 26.94 3.77
C THR A 97 15.69 26.37 3.99
N LEU A 98 16.69 26.86 3.24
CA LEU A 98 18.05 26.33 3.37
C LEU A 98 18.72 26.73 4.69
N THR A 99 18.47 27.96 5.13
CA THR A 99 18.90 28.44 6.45
C THR A 99 18.39 27.50 7.55
N ASP A 100 17.08 27.26 7.57
CA ASP A 100 16.43 26.37 8.55
C ASP A 100 17.06 24.99 8.57
N LEU A 101 17.18 24.37 7.40
CA LEU A 101 17.69 23.01 7.31
C LEU A 101 19.17 22.90 7.65
N ARG A 102 19.97 23.94 7.36
CA ARG A 102 21.36 23.96 7.81
C ARG A 102 21.45 24.01 9.32
N THR A 103 20.57 24.78 9.96
CA THR A 103 20.46 24.82 11.41
C THR A 103 20.06 23.45 12.01
N ALA A 104 19.10 22.76 11.38
CA ALA A 104 18.67 21.42 11.80
C ALA A 104 19.67 20.30 11.51
N HIS A 105 20.51 20.49 10.49
CA HIS A 105 21.50 19.48 10.07
C HIS A 105 22.88 20.13 9.89
N PRO A 106 23.49 20.61 10.99
CA PRO A 106 24.69 21.45 10.92
C PRO A 106 25.90 20.85 10.19
N ASP A 107 26.08 19.54 10.32
CA ASP A 107 27.24 18.85 9.72
C ASP A 107 26.96 18.15 8.37
N ALA A 108 25.87 18.52 7.69
CA ALA A 108 25.50 17.94 6.38
C ALA A 108 25.71 18.95 5.27
N ASP A 109 26.00 18.45 4.06
CA ASP A 109 25.99 19.28 2.85
C ASP A 109 24.63 19.12 2.16
N LEU A 110 23.94 20.24 1.90
CA LEU A 110 22.61 20.20 1.29
C LEU A 110 22.65 20.25 -0.24
N TYR A 111 21.79 19.45 -0.86
CA TYR A 111 21.63 19.38 -2.31
C TYR A 111 20.18 19.68 -2.67
N PHE A 112 19.92 20.89 -3.16
CA PHE A 112 18.57 21.30 -3.50
C PHE A 112 18.20 20.83 -4.90
N ILE A 113 17.14 20.04 -4.99
CA ILE A 113 16.70 19.43 -6.25
C ILE A 113 15.62 20.27 -6.93
N THR A 114 15.85 20.59 -8.20
CA THR A 114 14.95 21.46 -8.96
C THR A 114 14.78 20.87 -10.35
N GLY A 115 13.57 20.92 -10.90
CA GLY A 115 13.32 20.50 -12.29
C GLY A 115 13.70 21.63 -13.24
N ALA A 116 13.84 21.28 -14.51
CA ALA A 116 14.29 22.20 -15.54
C ALA A 116 13.54 23.53 -15.54
N ASP A 117 12.22 23.50 -15.37
CA ASP A 117 11.41 24.73 -15.39
C ASP A 117 11.68 25.64 -14.19
N ALA A 118 11.90 25.03 -13.03
CA ALA A 118 12.22 25.77 -11.81
C ALA A 118 13.62 26.36 -11.85
N LEU A 119 14.59 25.56 -12.30
CA LEU A 119 15.98 26.01 -12.49
C LEU A 119 16.03 27.22 -13.43
N ALA A 120 15.31 27.16 -14.54
CA ALA A 120 15.27 28.28 -15.50
C ALA A 120 14.74 29.61 -14.91
N SER A 121 14.02 29.54 -13.79
CA SER A 121 13.52 30.73 -13.10
C SER A 121 14.44 31.24 -11.98
N ILE A 122 15.58 30.61 -11.75
CA ILE A 122 16.35 30.83 -10.49
C ILE A 122 16.80 32.29 -10.26
N LEU A 123 17.03 33.06 -11.31
CA LEU A 123 17.49 34.46 -11.16
C LEU A 123 16.44 35.40 -10.57
N SER A 124 15.16 35.01 -10.60
CA SER A 124 14.10 35.80 -9.99
C SER A 124 13.85 35.47 -8.51
N TRP A 125 14.56 34.47 -7.96
CA TRP A 125 14.37 34.06 -6.57
C TRP A 125 14.98 35.06 -5.59
N GLU A 126 14.27 35.29 -4.48
CA GLU A 126 14.76 36.12 -3.38
C GLU A 126 16.23 35.84 -3.07
N ASN A 127 17.06 36.89 -3.11
CA ASN A 127 18.48 36.81 -2.77
C ASN A 127 19.15 35.60 -3.40
N TRP A 128 18.93 35.40 -4.71
CA TRP A 128 19.35 34.17 -5.39
C TRP A 128 20.85 33.86 -5.29
N GLU A 129 21.69 34.90 -5.20
CA GLU A 129 23.13 34.68 -5.05
C GLU A 129 23.43 33.89 -3.79
N GLN A 130 22.74 34.22 -2.69
CA GLN A 130 22.91 33.54 -1.41
C GLN A 130 22.67 32.03 -1.45
N LEU A 131 21.80 31.58 -2.36
CA LEU A 131 21.51 30.15 -2.57
C LEU A 131 22.74 29.26 -2.65
N PHE A 132 23.75 29.68 -3.42
CA PHE A 132 24.95 28.87 -3.65
C PHE A 132 26.01 28.92 -2.55
N THR A 133 25.84 29.78 -1.56
CA THR A 133 26.57 29.71 -0.30
C THR A 133 25.93 28.70 0.68
N LEU A 134 24.64 28.39 0.48
CA LEU A 134 23.90 27.48 1.39
C LEU A 134 23.78 26.05 0.91
N ALA A 135 23.80 25.82 -0.40
CA ALA A 135 23.63 24.47 -0.95
C ALA A 135 24.12 24.36 -2.38
N LYS A 136 24.35 23.12 -2.79
CA LYS A 136 24.56 22.76 -4.17
C LYS A 136 23.19 22.47 -4.80
N PHE A 137 23.07 22.82 -6.07
CA PHE A 137 21.81 22.66 -6.79
C PHE A 137 21.96 21.58 -7.84
N ILE A 138 20.91 20.76 -7.97
CA ILE A 138 20.83 19.74 -8.98
C ILE A 138 19.58 20.03 -9.80
N GLY A 139 19.81 20.31 -11.09
CA GLY A 139 18.75 20.46 -12.07
C GLY A 139 18.47 19.09 -12.66
N VAL A 140 17.20 18.69 -12.66
CA VAL A 140 16.79 17.44 -13.28
C VAL A 140 15.96 17.75 -14.52
N SER A 141 16.03 16.85 -15.49
CA SER A 141 15.25 17.00 -16.73
C SER A 141 13.76 16.88 -16.44
N ARG A 142 12.98 17.44 -17.35
CA ARG A 142 11.53 17.40 -17.27
C ARG A 142 10.96 17.57 -18.69
N PRO A 143 10.07 16.65 -19.13
CA PRO A 143 9.54 16.72 -20.51
C PRO A 143 8.85 18.03 -20.79
N GLY A 144 9.07 18.57 -21.98
CA GLY A 144 8.58 19.88 -22.39
C GLY A 144 9.39 21.07 -21.87
N TYR A 145 10.56 20.83 -21.27
CA TYR A 145 11.42 21.92 -20.79
C TYR A 145 12.88 21.63 -21.11
N GLU A 146 13.60 22.68 -21.49
CA GLU A 146 15.03 22.62 -21.77
C GLU A 146 15.78 22.67 -20.45
N LEU A 147 16.59 21.65 -20.19
CA LEU A 147 17.49 21.66 -19.03
C LEU A 147 18.79 22.36 -19.44
N SER A 148 19.15 23.43 -18.72
CA SER A 148 20.27 24.28 -19.08
C SER A 148 20.85 25.02 -17.88
N SER A 149 22.18 25.16 -17.88
CA SER A 149 22.89 26.00 -16.90
C SER A 149 23.40 27.31 -17.53
N ASP A 150 23.10 27.55 -18.81
CA ASP A 150 23.67 28.69 -19.54
C ASP A 150 23.16 30.05 -19.06
N HIS A 151 21.95 30.11 -18.53
CA HIS A 151 21.42 31.36 -17.95
C HIS A 151 22.19 31.89 -16.72
N ILE A 152 22.92 31.04 -16.01
CA ILE A 152 23.75 31.45 -14.87
C ILE A 152 25.27 31.23 -15.09
N ALA A 153 25.69 31.06 -16.34
CA ALA A 153 27.11 30.90 -16.70
C ALA A 153 28.03 32.07 -16.29
N HIS A 154 27.46 33.27 -16.13
CA HIS A 154 28.22 34.43 -15.63
C HIS A 154 28.34 34.55 -14.10
N ALA A 155 27.70 33.63 -13.34
CA ALA A 155 27.67 33.74 -11.87
C ALA A 155 28.99 33.34 -11.22
N ASP A 160 31.39 23.08 -7.92
CA ASP A 160 30.38 22.13 -8.36
C ASP A 160 29.01 22.49 -7.74
N GLY A 161 28.69 23.78 -7.82
CA GLY A 161 27.48 24.35 -7.22
C GLY A 161 26.20 24.07 -7.99
N LEU A 162 26.33 23.67 -9.26
CA LEU A 162 25.19 23.30 -10.08
C LEU A 162 25.51 22.10 -10.96
N SER A 163 24.72 21.01 -10.82
CA SER A 163 24.87 19.82 -11.65
C SER A 163 23.56 19.56 -12.38
N LEU A 164 23.65 19.21 -13.67
CA LEU A 164 22.47 18.84 -14.47
C LEU A 164 22.39 17.33 -14.60
N VAL A 165 21.18 16.76 -14.42
CA VAL A 165 20.97 15.29 -14.41
C VAL A 165 19.78 14.86 -15.25
N GLU A 166 19.95 13.80 -16.07
CA GLU A 166 18.83 13.19 -16.77
C GLU A 166 18.13 12.24 -15.80
N VAL A 167 16.83 12.41 -15.66
CA VAL A 167 16.00 11.47 -14.88
C VAL A 167 14.94 10.90 -15.83
N PRO A 168 14.32 9.76 -15.47
CA PRO A 168 13.28 9.19 -16.32
C PRO A 168 12.17 10.18 -16.66
N ALA A 169 11.82 10.20 -17.94
CA ALA A 169 10.93 11.20 -18.50
C ALA A 169 9.46 10.82 -18.27
N LEU A 170 8.88 11.38 -17.22
CA LEU A 170 7.46 11.22 -16.92
C LEU A 170 6.75 12.55 -17.11
N ALA A 171 5.99 12.65 -18.20
CA ALA A 171 5.28 13.88 -18.54
C ALA A 171 4.01 13.99 -17.69
N ILE A 172 4.22 14.37 -16.44
CA ILE A 172 3.18 14.51 -15.45
C ILE A 172 3.34 15.91 -14.87
N SER A 173 2.26 16.67 -14.80
CA SER A 173 2.23 17.89 -14.00
C SER A 173 1.12 17.83 -12.95
N SER A 174 1.30 18.61 -11.89
CA SER A 174 0.28 18.76 -10.88
C SER A 174 -0.96 19.41 -11.48
N THR A 175 -0.76 20.35 -12.40
CA THR A 175 -1.87 20.98 -13.14
C THR A 175 -2.73 19.96 -13.88
N ASP A 176 -2.10 19.06 -14.62
CA ASP A 176 -2.85 18.01 -15.31
C ASP A 176 -3.57 17.09 -14.33
N CYS A 177 -2.89 16.69 -13.25
CA CYS A 177 -3.49 15.89 -12.17
C CYS A 177 -4.73 16.56 -11.55
N ARG A 178 -4.61 17.85 -11.26
CA ARG A 178 -5.74 18.62 -10.71
C ARG A 178 -6.90 18.70 -11.69
N ILE A 179 -6.60 18.96 -12.96
CA ILE A 179 -7.64 19.05 -14.00
C ILE A 179 -8.39 17.73 -14.19
N ARG A 180 -7.65 16.62 -14.28
CA ARG A 180 -8.28 15.29 -14.38
C ARG A 180 -9.22 15.00 -13.24
N ALA A 181 -8.72 15.20 -12.02
CA ALA A 181 -9.48 14.97 -10.80
C ALA A 181 -10.72 15.87 -10.74
N GLY A 182 -10.57 17.12 -11.20
CA GLY A 182 -11.73 18.01 -11.36
C GLY A 182 -12.74 17.55 -12.38
N GLN A 183 -12.29 16.78 -13.37
CA GLN A 183 -13.17 16.21 -14.42
C GLN A 183 -13.61 14.75 -14.17
N ALA A 184 -13.37 14.26 -12.95
CA ALA A 184 -13.57 12.85 -12.62
C ALA A 184 -12.88 11.90 -13.63
N ARG A 185 -11.69 12.28 -14.10
CA ARG A 185 -10.84 11.43 -14.92
C ARG A 185 -9.71 10.87 -14.06
N PRO A 186 -9.19 9.68 -14.41
CA PRO A 186 -8.31 8.97 -13.45
C PRO A 186 -6.95 9.61 -13.30
N ILE A 187 -6.44 9.59 -12.08
CA ILE A 187 -5.06 9.97 -11.79
C ILE A 187 -4.23 8.81 -11.28
N TRP A 188 -4.80 7.61 -11.32
CA TRP A 188 -4.06 6.37 -11.06
C TRP A 188 -2.78 6.33 -11.87
N TYR A 189 -1.68 5.97 -11.19
CA TYR A 189 -0.33 5.74 -11.80
C TYR A 189 0.44 7.00 -12.22
N LEU A 190 -0.21 8.16 -12.17
CA LEU A 190 0.45 9.45 -12.27
C LEU A 190 0.93 9.86 -10.87
N VAL A 191 0.16 9.47 -9.84
CA VAL A 191 0.46 9.79 -8.46
C VAL A 191 0.45 8.47 -7.69
N PRO A 192 1.08 8.41 -6.49
CA PRO A 192 0.99 7.18 -5.68
C PRO A 192 -0.44 6.82 -5.29
N ASP A 193 -0.71 5.53 -5.10
CA ASP A 193 -2.07 5.05 -4.74
C ASP A 193 -2.62 5.79 -3.51
N GLY A 194 -1.77 5.99 -2.49
CA GLY A 194 -2.14 6.83 -1.32
C GLY A 194 -2.67 8.23 -1.63
N VAL A 195 -2.12 8.86 -2.66
CA VAL A 195 -2.52 10.22 -3.05
C VAL A 195 -3.85 10.18 -3.79
N VAL A 196 -4.05 9.17 -4.63
CA VAL A 196 -5.34 8.94 -5.30
C VAL A 196 -6.46 8.90 -4.26
N GLN A 197 -6.24 8.11 -3.21
CA GLN A 197 -7.17 7.93 -2.10
C GLN A 197 -7.37 9.22 -1.32
N TYR A 198 -6.26 9.85 -0.94
CA TYR A 198 -6.33 11.08 -0.18
C TYR A 198 -7.11 12.14 -0.98
N VAL A 199 -6.78 12.31 -2.26
CA VAL A 199 -7.52 13.24 -3.12
C VAL A 199 -9.03 12.94 -3.23
N ALA A 200 -9.40 11.68 -3.41
CA ALA A 200 -10.82 11.32 -3.50
C ALA A 200 -11.55 11.55 -2.17
N LYS A 201 -10.94 11.10 -1.07
CA LYS A 201 -11.53 11.20 0.26
C LYS A 201 -11.78 12.65 0.72
N HIS A 202 -10.83 13.54 0.46
CA HIS A 202 -10.93 14.91 0.93
C HIS A 202 -11.49 15.85 -0.12
N ARG A 203 -11.83 15.30 -1.29
CA ARG A 203 -12.49 16.03 -2.39
C ARG A 203 -11.71 17.29 -2.76
N LEU A 204 -10.40 17.12 -2.93
CA LEU A 204 -9.49 18.26 -3.06
C LEU A 204 -9.69 19.14 -4.29
N TYR A 205 -10.06 18.57 -5.43
CA TYR A 205 -10.15 19.37 -6.66
C TYR A 205 -11.48 19.20 -7.36
N SER A 206 -12.54 18.97 -6.58
CA SER A 206 -13.88 18.69 -7.10
C SER A 206 -14.92 19.58 -6.43
N ARG B 10 -24.67 -5.79 -22.02
CA ARG B 10 -23.38 -6.28 -22.61
C ARG B 10 -22.17 -5.57 -21.99
N ARG B 11 -21.14 -6.34 -21.66
CA ARG B 11 -19.96 -5.80 -21.00
C ARG B 11 -18.95 -5.31 -22.03
N ARG B 12 -18.28 -4.21 -21.73
CA ARG B 12 -17.22 -3.64 -22.58
C ARG B 12 -15.92 -3.91 -21.87
N LEU B 13 -15.19 -4.89 -22.35
CA LEU B 13 -13.97 -5.39 -21.70
C LEU B 13 -12.76 -4.91 -22.47
N GLY B 14 -11.78 -4.35 -21.78
CA GLY B 14 -10.47 -4.09 -22.35
C GLY B 14 -9.65 -5.33 -22.14
N VAL B 15 -8.73 -5.61 -23.05
CA VAL B 15 -7.77 -6.71 -22.89
C VAL B 15 -6.37 -6.16 -23.12
N MET B 16 -5.51 -6.22 -22.11
CA MET B 16 -4.11 -5.85 -22.26
C MET B 16 -3.23 -7.08 -22.15
N GLY B 17 -2.76 -7.52 -23.31
CA GLY B 17 -1.84 -8.64 -23.37
C GLY B 17 -0.44 -8.11 -23.13
N GLY B 18 0.42 -8.93 -22.53
CA GLY B 18 1.81 -8.54 -22.36
C GLY B 18 2.67 -9.62 -21.74
N THR B 19 3.98 -9.48 -21.89
CA THR B 19 4.94 -10.29 -21.16
C THR B 19 4.94 -9.90 -19.68
N PHE B 20 4.94 -8.60 -19.40
CA PHE B 20 4.87 -8.06 -18.04
C PHE B 20 6.02 -8.60 -17.17
N ASP B 21 7.23 -8.29 -17.62
CA ASP B 21 8.46 -8.79 -17.02
C ASP B 21 9.43 -7.61 -16.82
N PRO B 22 9.10 -6.65 -15.95
CA PRO B 22 7.91 -6.65 -15.13
C PRO B 22 6.86 -5.72 -15.69
N ILE B 23 5.67 -5.78 -15.13
CA ILE B 23 4.65 -4.77 -15.36
C ILE B 23 5.12 -3.45 -14.75
N HIS B 24 4.82 -2.34 -15.41
CA HIS B 24 5.25 -1.02 -14.97
C HIS B 24 4.12 0.00 -15.17
N ASN B 25 4.34 1.21 -14.68
CA ASN B 25 3.32 2.26 -14.66
C ASN B 25 2.89 2.72 -16.04
N GLY B 26 3.82 2.68 -16.99
CA GLY B 26 3.51 2.78 -18.41
C GLY B 26 2.33 1.93 -18.86
N HIS B 27 2.37 0.63 -18.54
CA HIS B 27 1.29 -0.30 -18.88
C HIS B 27 -0.01 0.09 -18.18
N LEU B 28 0.11 0.43 -16.91
CA LEU B 28 -1.06 0.66 -16.07
C LEU B 28 -1.76 1.98 -16.42
N VAL B 29 -0.99 3.03 -16.67
CA VAL B 29 -1.54 4.34 -17.01
C VAL B 29 -2.24 4.29 -18.36
N ALA B 30 -1.70 3.47 -19.27
CA ALA B 30 -2.28 3.25 -20.58
C ALA B 30 -3.64 2.56 -20.47
N ALA B 31 -3.70 1.50 -19.67
CA ALA B 31 -4.97 0.80 -19.42
C ALA B 31 -5.97 1.67 -18.68
N SER B 32 -5.51 2.47 -17.71
CA SER B 32 -6.39 3.40 -17.00
C SER B 32 -7.02 4.44 -17.93
N GLU B 33 -6.20 5.07 -18.78
CA GLU B 33 -6.70 6.07 -19.74
C GLU B 33 -7.65 5.45 -20.76
N VAL B 34 -7.30 4.27 -21.27
CA VAL B 34 -8.16 3.55 -22.23
C VAL B 34 -9.51 3.24 -21.57
N ALA B 35 -9.47 2.69 -20.35
CA ALA B 35 -10.68 2.36 -19.59
C ALA B 35 -11.58 3.56 -19.46
N ASP B 36 -10.97 4.72 -19.21
CA ASP B 36 -11.70 5.97 -19.04
C ASP B 36 -12.31 6.48 -20.36
N ARG B 37 -11.50 6.57 -21.40
CA ARG B 37 -11.96 7.10 -22.70
C ARG B 37 -12.97 6.21 -23.45
N PHE B 38 -12.82 4.90 -23.32
CA PHE B 38 -13.75 3.94 -23.93
C PHE B 38 -14.81 3.45 -22.95
N ALA B 39 -14.93 4.11 -21.78
CA ALA B 39 -15.86 3.71 -20.74
C ALA B 39 -15.98 2.18 -20.62
N LEU B 40 -14.83 1.53 -20.44
CA LEU B 40 -14.80 0.07 -20.31
C LEU B 40 -15.18 -0.33 -18.90
N ASP B 41 -15.92 -1.42 -18.79
CA ASP B 41 -16.33 -1.93 -17.49
C ASP B 41 -15.16 -2.58 -16.73
N GLU B 42 -14.18 -3.09 -17.46
CA GLU B 42 -13.08 -3.85 -16.88
C GLU B 42 -11.95 -3.94 -17.89
N VAL B 43 -10.71 -3.97 -17.41
CA VAL B 43 -9.56 -4.30 -18.26
C VAL B 43 -8.95 -5.58 -17.75
N ILE B 44 -8.76 -6.53 -18.65
CA ILE B 44 -8.17 -7.83 -18.31
C ILE B 44 -6.74 -7.85 -18.82
N PHE B 45 -5.79 -8.02 -17.89
CA PHE B 45 -4.38 -8.16 -18.24
C PHE B 45 -4.08 -9.63 -18.43
N VAL B 46 -3.40 -9.96 -19.54
CA VAL B 46 -3.14 -11.37 -19.89
C VAL B 46 -1.63 -11.54 -20.08
N PRO B 47 -0.91 -11.98 -19.03
CA PRO B 47 0.48 -12.39 -19.21
C PRO B 47 0.63 -13.52 -20.24
N THR B 48 1.60 -13.41 -21.13
CA THR B 48 1.90 -14.47 -22.10
C THR B 48 2.54 -15.70 -21.43
N GLY B 49 2.40 -16.86 -22.07
CA GLY B 49 3.11 -18.09 -21.65
C GLY B 49 4.56 -18.05 -22.09
N GLN B 50 5.37 -18.99 -21.59
CA GLN B 50 6.80 -19.05 -21.93
C GLN B 50 7.05 -19.41 -23.40
N ARG B 57 17.21 -12.74 -23.79
CA ARG B 57 15.82 -13.14 -23.97
C ARG B 57 15.35 -14.25 -23.01
N LYS B 58 16.11 -14.50 -21.93
CA LYS B 58 15.61 -15.34 -20.84
C LYS B 58 14.46 -14.60 -20.15
N VAL B 59 13.23 -14.92 -20.57
CA VAL B 59 12.02 -14.37 -19.96
C VAL B 59 11.83 -15.00 -18.57
N SER B 60 11.38 -14.21 -17.60
CA SER B 60 11.13 -14.74 -16.25
C SER B 60 9.98 -15.75 -16.27
N PRO B 61 10.00 -16.75 -15.36
CA PRO B 61 8.92 -17.74 -15.27
C PRO B 61 7.52 -17.14 -15.26
N ALA B 62 6.58 -17.87 -15.84
CA ALA B 62 5.20 -17.42 -15.97
C ALA B 62 4.54 -16.99 -14.66
N GLU B 63 4.79 -17.74 -13.58
CA GLU B 63 4.13 -17.52 -12.30
C GLU B 63 4.57 -16.21 -11.63
N HIS B 64 5.84 -15.87 -11.77
CA HIS B 64 6.32 -14.56 -11.29
C HIS B 64 5.68 -13.41 -12.07
N ARG B 65 5.61 -13.55 -13.39
CA ARG B 65 5.03 -12.51 -14.26
C ARG B 65 3.52 -12.38 -14.02
N TYR B 66 2.82 -13.49 -13.80
CA TYR B 66 1.41 -13.48 -13.41
C TYR B 66 1.16 -12.76 -12.06
N LEU B 67 1.96 -13.09 -11.05
CA LEU B 67 1.76 -12.59 -9.69
C LEU B 67 2.16 -11.13 -9.54
N MET B 68 3.23 -10.71 -10.22
CA MET B 68 3.53 -9.28 -10.28
C MET B 68 2.37 -8.48 -10.85
N THR B 69 1.74 -9.02 -11.88
CA THR B 69 0.62 -8.37 -12.54
C THR B 69 -0.62 -8.33 -11.64
N VAL B 70 -0.86 -9.42 -10.93
CA VAL B 70 -1.90 -9.45 -9.90
C VAL B 70 -1.62 -8.38 -8.80
N ILE B 71 -0.39 -8.34 -8.27
CA ILE B 71 -0.04 -7.40 -7.23
C ILE B 71 -0.19 -5.94 -7.72
N ALA B 72 0.26 -5.67 -8.93
CA ALA B 72 0.21 -4.34 -9.54
C ALA B 72 -1.20 -3.83 -9.83
N THR B 73 -2.09 -4.75 -10.22
CA THR B 73 -3.46 -4.43 -10.59
C THR B 73 -4.42 -4.45 -9.43
N ALA B 74 -4.00 -5.06 -8.31
CA ALA B 74 -4.89 -5.30 -7.16
C ALA B 74 -5.67 -4.07 -6.70
N SER B 75 -4.98 -2.93 -6.60
CA SER B 75 -5.58 -1.73 -6.03
C SER B 75 -6.59 -1.05 -6.95
N ASN B 76 -6.53 -1.32 -8.24
CA ASN B 76 -7.46 -0.71 -9.20
C ASN B 76 -8.78 -1.51 -9.23
N PRO B 77 -9.93 -0.87 -8.94
CA PRO B 77 -11.25 -1.53 -8.97
C PRO B 77 -11.66 -2.16 -10.32
N ARG B 78 -11.10 -1.68 -11.44
CA ARG B 78 -11.51 -2.16 -12.76
C ARG B 78 -10.48 -3.07 -13.48
N PHE B 79 -9.38 -3.44 -12.81
CA PHE B 79 -8.38 -4.32 -13.42
C PHE B 79 -8.42 -5.74 -12.85
N THR B 80 -8.49 -6.72 -13.75
CA THR B 80 -8.31 -8.14 -13.44
C THR B 80 -7.17 -8.70 -14.27
N VAL B 81 -6.76 -9.92 -13.95
CA VAL B 81 -5.68 -10.64 -14.62
C VAL B 81 -6.18 -12.05 -14.97
N SER B 82 -5.99 -12.47 -16.20
CA SER B 82 -6.36 -13.83 -16.63
C SER B 82 -5.12 -14.68 -16.74
N ARG B 83 -5.21 -15.93 -16.32
CA ARG B 83 -4.11 -16.88 -16.53
C ARG B 83 -4.37 -17.79 -17.74
N ALA B 84 -5.15 -17.30 -18.71
CA ALA B 84 -5.63 -18.10 -19.84
C ALA B 84 -4.50 -18.55 -20.77
N ASP B 85 -3.56 -17.64 -21.05
CA ASP B 85 -2.38 -17.96 -21.87
C ASP B 85 -1.34 -18.78 -21.13
N ILE B 86 -1.24 -18.58 -19.82
CA ILE B 86 -0.37 -19.41 -18.97
C ILE B 86 -0.85 -20.86 -18.93
N ASP B 87 -2.14 -21.05 -18.65
CA ASP B 87 -2.73 -22.38 -18.58
C ASP B 87 -2.78 -23.12 -19.91
N ARG B 88 -2.88 -22.40 -21.03
CA ARG B 88 -2.99 -23.01 -22.35
C ARG B 88 -1.71 -23.74 -22.76
N GLY B 89 -0.55 -23.19 -22.39
CA GLY B 89 0.74 -23.80 -22.72
C GLY B 89 1.14 -23.60 -24.16
N GLY B 90 2.42 -23.83 -24.44
CA GLY B 90 2.98 -23.64 -25.77
C GLY B 90 3.17 -22.17 -26.14
N ALA B 91 3.07 -21.89 -27.43
CA ALA B 91 3.34 -20.55 -27.95
C ALA B 91 2.08 -19.69 -27.85
N THR B 92 2.19 -18.55 -27.19
CA THR B 92 1.07 -17.64 -26.99
C THR B 92 0.76 -16.89 -28.29
N TYR B 93 -0.47 -17.03 -28.74
CA TYR B 93 -0.96 -16.35 -29.94
C TYR B 93 -2.23 -15.61 -29.56
N THR B 94 -2.32 -14.33 -29.92
CA THR B 94 -3.43 -13.49 -29.49
C THR B 94 -4.81 -13.94 -30.03
N VAL B 95 -4.84 -14.54 -31.21
CA VAL B 95 -6.07 -15.24 -31.68
C VAL B 95 -6.58 -16.28 -30.67
N ASP B 96 -5.67 -17.06 -30.08
CA ASP B 96 -6.04 -18.02 -29.03
C ASP B 96 -6.48 -17.34 -27.73
N THR B 97 -5.85 -16.22 -27.39
CA THR B 97 -6.22 -15.46 -26.19
C THR B 97 -7.62 -14.91 -26.28
N LEU B 98 -7.94 -14.29 -27.41
CA LEU B 98 -9.24 -13.67 -27.62
C LEU B 98 -10.38 -14.67 -27.77
N THR B 99 -10.13 -15.80 -28.44
CA THR B 99 -11.14 -16.87 -28.56
C THR B 99 -11.46 -17.48 -27.19
N ASP B 100 -10.44 -17.69 -26.36
CA ASP B 100 -10.64 -18.10 -24.96
C ASP B 100 -11.53 -17.12 -24.19
N LEU B 101 -11.28 -15.82 -24.34
CA LEU B 101 -12.07 -14.79 -23.68
C LEU B 101 -13.46 -14.61 -24.30
N ARG B 102 -13.61 -14.92 -25.59
CA ARG B 102 -14.95 -14.97 -26.23
C ARG B 102 -15.81 -16.09 -25.64
N THR B 103 -15.18 -17.20 -25.27
CA THR B 103 -15.89 -18.30 -24.59
C THR B 103 -16.23 -17.91 -23.15
N ALA B 104 -15.22 -17.48 -22.38
CA ALA B 104 -15.37 -17.21 -20.94
C ALA B 104 -16.19 -15.95 -20.62
N HIS B 105 -16.32 -15.05 -21.60
CA HIS B 105 -17.17 -13.87 -21.48
C HIS B 105 -17.93 -13.73 -22.80
N PRO B 106 -19.00 -14.54 -22.99
CA PRO B 106 -19.71 -14.59 -24.27
C PRO B 106 -20.53 -13.35 -24.62
N ASP B 107 -21.01 -12.62 -23.61
CA ASP B 107 -21.88 -11.45 -23.83
C ASP B 107 -21.13 -10.15 -23.56
N ALA B 108 -19.96 -9.99 -24.21
CA ALA B 108 -19.10 -8.82 -24.02
C ALA B 108 -18.37 -8.38 -25.30
N ASP B 109 -18.20 -7.06 -25.46
CA ASP B 109 -17.37 -6.50 -26.54
C ASP B 109 -15.92 -6.41 -26.07
N LEU B 110 -15.01 -6.96 -26.87
CA LEU B 110 -13.57 -6.97 -26.54
C LEU B 110 -12.79 -5.87 -27.27
N TYR B 111 -11.88 -5.26 -26.52
CA TYR B 111 -11.00 -4.22 -27.01
C TYR B 111 -9.58 -4.62 -26.64
N PHE B 112 -8.76 -4.98 -27.63
CA PHE B 112 -7.37 -5.32 -27.37
C PHE B 112 -6.55 -4.05 -27.36
N ILE B 113 -5.89 -3.77 -26.23
CA ILE B 113 -5.07 -2.58 -26.06
C ILE B 113 -3.61 -2.95 -26.34
N THR B 114 -2.97 -2.15 -27.19
CA THR B 114 -1.60 -2.36 -27.63
C THR B 114 -0.90 -1.00 -27.72
N GLY B 115 0.39 -0.97 -27.42
CA GLY B 115 1.19 0.24 -27.62
C GLY B 115 1.57 0.42 -29.07
N ALA B 116 2.36 1.46 -29.35
CA ALA B 116 2.82 1.79 -30.71
C ALA B 116 3.90 0.82 -31.24
N ASP B 117 4.86 0.46 -30.39
CA ASP B 117 5.91 -0.51 -30.76
C ASP B 117 5.36 -1.86 -31.25
N ALA B 118 4.28 -2.32 -30.63
CA ALA B 118 3.64 -3.60 -30.98
C ALA B 118 2.59 -3.48 -32.10
N LEU B 119 2.13 -2.25 -32.39
CA LEU B 119 1.09 -2.02 -33.41
C LEU B 119 1.58 -2.33 -34.83
N ALA B 120 2.78 -1.87 -35.15
CA ALA B 120 3.36 -2.12 -36.50
C ALA B 120 3.70 -3.61 -36.73
N SER B 121 4.12 -4.29 -35.67
CA SER B 121 4.40 -5.71 -35.73
C SER B 121 3.17 -6.62 -35.86
N ILE B 122 1.95 -6.09 -35.71
CA ILE B 122 0.74 -6.92 -35.69
C ILE B 122 0.54 -7.73 -36.97
N LEU B 123 0.90 -7.14 -38.12
CA LEU B 123 0.79 -7.78 -39.44
C LEU B 123 1.53 -9.13 -39.55
N SER B 124 2.48 -9.37 -38.65
CA SER B 124 3.18 -10.64 -38.55
C SER B 124 2.76 -11.49 -37.35
N TRP B 125 1.57 -11.24 -36.79
CA TRP B 125 1.00 -12.11 -35.76
C TRP B 125 0.29 -13.28 -36.44
N GLU B 126 0.42 -14.46 -35.85
CA GLU B 126 -0.34 -15.63 -36.25
C GLU B 126 -1.79 -15.29 -36.58
N ASN B 127 -2.18 -15.51 -37.83
CA ASN B 127 -3.56 -15.36 -38.29
C ASN B 127 -4.14 -13.95 -38.03
N TRP B 128 -3.30 -12.94 -38.24
CA TRP B 128 -3.60 -11.58 -37.78
C TRP B 128 -4.95 -11.03 -38.25
N GLU B 129 -5.35 -11.38 -39.47
CA GLU B 129 -6.66 -10.98 -40.01
C GLU B 129 -7.85 -11.48 -39.17
N GLN B 130 -7.70 -12.66 -38.55
CA GLN B 130 -8.72 -13.18 -37.64
C GLN B 130 -8.87 -12.37 -36.34
N LEU B 131 -7.82 -11.66 -35.92
CA LEU B 131 -7.88 -10.80 -34.71
C LEU B 131 -9.04 -9.80 -34.76
N PHE B 132 -9.24 -9.21 -35.94
CA PHE B 132 -10.25 -8.17 -36.11
C PHE B 132 -11.69 -8.70 -36.30
N THR B 133 -11.87 -10.02 -36.33
CA THR B 133 -13.21 -10.63 -36.25
C THR B 133 -13.62 -10.95 -34.81
N LEU B 134 -12.63 -10.98 -33.91
CA LEU B 134 -12.84 -11.25 -32.49
C LEU B 134 -12.91 -9.95 -31.65
N ALA B 135 -12.20 -8.90 -32.05
CA ALA B 135 -12.10 -7.70 -31.23
C ALA B 135 -11.68 -6.46 -32.00
N LYS B 136 -12.07 -5.30 -31.48
CA LYS B 136 -11.54 -4.00 -31.90
C LYS B 136 -10.18 -3.78 -31.22
N PHE B 137 -9.29 -3.02 -31.88
CA PHE B 137 -7.95 -2.79 -31.36
C PHE B 137 -7.77 -1.33 -30.99
N ILE B 138 -7.05 -1.09 -29.89
CA ILE B 138 -6.73 0.26 -29.43
C ILE B 138 -5.21 0.44 -29.35
N GLY B 139 -4.69 1.33 -30.19
CA GLY B 139 -3.27 1.69 -30.17
C GLY B 139 -3.06 2.85 -29.23
N VAL B 140 -2.22 2.67 -28.22
CA VAL B 140 -1.89 3.77 -27.30
C VAL B 140 -0.52 4.34 -27.67
N SER B 141 -0.40 5.66 -27.70
CA SER B 141 0.91 6.32 -27.82
C SER B 141 1.95 5.81 -26.79
N ARG B 142 3.22 5.77 -27.21
CA ARG B 142 4.34 5.40 -26.33
C ARG B 142 5.59 6.25 -26.69
N PRO B 143 6.31 6.79 -25.67
CA PRO B 143 7.51 7.59 -25.97
C PRO B 143 8.62 6.80 -26.66
N GLY B 144 9.31 7.45 -27.59
CA GLY B 144 10.33 6.83 -28.43
C GLY B 144 9.81 6.58 -29.83
N TYR B 145 8.66 5.89 -29.91
CA TYR B 145 8.10 5.41 -31.18
C TYR B 145 6.94 6.30 -31.66
N GLU B 146 6.70 6.26 -32.97
CA GLU B 146 5.57 6.98 -33.59
C GLU B 146 4.32 6.10 -33.59
N LEU B 147 3.16 6.73 -33.40
CA LEU B 147 1.87 6.01 -33.40
C LEU B 147 1.27 6.00 -34.80
N SER B 148 1.70 5.03 -35.60
CA SER B 148 1.28 4.90 -37.01
C SER B 148 0.67 3.52 -37.27
N GLY B 161 -12.40 -1.11 -36.89
CA GLY B 161 -11.53 -2.14 -36.33
C GLY B 161 -10.34 -1.66 -35.50
N LEU B 162 -9.94 -0.40 -35.68
CA LEU B 162 -8.77 0.16 -35.03
C LEU B 162 -8.99 1.61 -34.61
N SER B 163 -8.79 1.92 -33.33
CA SER B 163 -8.80 3.29 -32.84
C SER B 163 -7.45 3.62 -32.22
N LEU B 164 -7.09 4.90 -32.25
CA LEU B 164 -5.86 5.40 -31.68
C LEU B 164 -6.19 6.39 -30.57
N VAL B 165 -5.52 6.26 -29.43
CA VAL B 165 -5.76 7.10 -28.25
C VAL B 165 -4.44 7.61 -27.65
N GLU B 166 -4.40 8.92 -27.36
CA GLU B 166 -3.29 9.52 -26.60
C GLU B 166 -3.40 9.13 -25.13
N VAL B 167 -2.30 8.66 -24.54
CA VAL B 167 -2.23 8.41 -23.09
C VAL B 167 -1.03 9.17 -22.52
N PRO B 168 -1.00 9.40 -21.18
CA PRO B 168 0.14 10.12 -20.59
C PRO B 168 1.47 9.46 -20.92
N ALA B 169 2.42 10.25 -21.39
CA ALA B 169 3.72 9.76 -21.84
C ALA B 169 4.66 9.48 -20.66
N LEU B 170 4.72 8.21 -20.26
CA LEU B 170 5.72 7.72 -19.32
C LEU B 170 6.76 6.92 -20.10
N ALA B 171 7.96 7.49 -20.30
CA ALA B 171 9.03 6.82 -21.02
C ALA B 171 9.65 5.76 -20.13
N ILE B 172 8.94 4.64 -20.01
CA ILE B 172 9.34 3.52 -19.15
C ILE B 172 9.29 2.25 -20.01
N SER B 173 10.30 1.40 -19.87
CA SER B 173 10.28 0.08 -20.49
C SER B 173 10.60 -1.00 -19.47
N SER B 174 10.05 -2.20 -19.69
CA SER B 174 10.38 -3.36 -18.86
C SER B 174 11.88 -3.63 -18.91
N THR B 175 12.45 -3.51 -20.10
CA THR B 175 13.90 -3.71 -20.31
C THR B 175 14.77 -2.79 -19.43
N ASP B 176 14.49 -1.49 -19.42
CA ASP B 176 15.20 -0.56 -18.55
C ASP B 176 15.05 -0.92 -17.08
N CYS B 177 13.83 -1.34 -16.69
CA CYS B 177 13.56 -1.77 -15.31
C CYS B 177 14.38 -2.98 -14.90
N ARG B 178 14.46 -3.99 -15.77
CA ARG B 178 15.26 -5.19 -15.50
C ARG B 178 16.73 -4.82 -15.33
N ILE B 179 17.19 -3.91 -16.18
CA ILE B 179 18.58 -3.43 -16.17
C ILE B 179 18.88 -2.64 -14.90
N ARG B 180 17.96 -1.74 -14.51
CA ARG B 180 18.10 -1.01 -13.25
C ARG B 180 18.16 -1.97 -12.07
N ALA B 181 17.28 -2.97 -12.09
CA ALA B 181 17.21 -3.97 -11.03
C ALA B 181 18.53 -4.73 -10.89
N GLY B 182 19.07 -5.20 -12.02
CA GLY B 182 20.34 -5.93 -12.04
C GLY B 182 21.57 -5.12 -11.64
N GLN B 183 21.52 -3.81 -11.81
CA GLN B 183 22.59 -2.90 -11.43
C GLN B 183 22.34 -2.22 -10.08
N ALA B 184 21.33 -2.69 -9.34
CA ALA B 184 20.96 -2.14 -8.03
C ALA B 184 20.57 -0.65 -8.05
N ARG B 185 20.03 -0.19 -9.18
CA ARG B 185 19.54 1.19 -9.30
C ARG B 185 18.02 1.15 -9.07
N PRO B 186 17.43 2.27 -8.60
CA PRO B 186 16.04 2.21 -8.17
C PRO B 186 15.03 2.08 -9.31
N ILE B 187 13.98 1.31 -9.07
CA ILE B 187 12.83 1.21 -9.96
C ILE B 187 11.56 1.74 -9.28
N TRP B 188 11.75 2.41 -8.14
CA TRP B 188 10.68 3.13 -7.46
C TRP B 188 10.05 4.13 -8.40
N TYR B 189 8.72 4.17 -8.40
CA TYR B 189 7.92 5.14 -9.21
C TYR B 189 7.89 4.88 -10.73
N LEU B 190 8.67 3.92 -11.22
CA LEU B 190 8.52 3.38 -12.58
C LEU B 190 7.60 2.14 -12.60
N VAL B 191 7.62 1.38 -11.50
CA VAL B 191 6.70 0.25 -11.26
C VAL B 191 5.98 0.50 -9.94
N PRO B 192 4.78 -0.09 -9.73
CA PRO B 192 4.09 0.04 -8.43
C PRO B 192 4.89 -0.46 -7.23
N ASP B 193 4.64 0.10 -6.05
CA ASP B 193 5.39 -0.27 -4.82
C ASP B 193 5.43 -1.80 -4.63
N GLY B 194 4.29 -2.46 -4.87
CA GLY B 194 4.20 -3.93 -4.73
C GLY B 194 5.18 -4.69 -5.61
N VAL B 195 5.38 -4.19 -6.83
CA VAL B 195 6.31 -4.80 -7.78
C VAL B 195 7.76 -4.52 -7.36
N VAL B 196 8.03 -3.36 -6.77
CA VAL B 196 9.34 -3.08 -6.21
C VAL B 196 9.68 -4.09 -5.10
N GLN B 197 8.73 -4.37 -4.21
CA GLN B 197 8.90 -5.36 -3.12
C GLN B 197 9.07 -6.77 -3.66
N TYR B 198 8.24 -7.15 -4.63
CA TYR B 198 8.25 -8.51 -5.21
C TYR B 198 9.58 -8.80 -5.93
N VAL B 199 10.03 -7.85 -6.75
CA VAL B 199 11.29 -7.97 -7.48
C VAL B 199 12.51 -8.12 -6.56
N ALA B 200 12.50 -7.43 -5.42
CA ALA B 200 13.63 -7.49 -4.48
C ALA B 200 13.57 -8.79 -3.68
N LYS B 201 12.39 -9.12 -3.14
CA LYS B 201 12.19 -10.34 -2.36
C LYS B 201 12.59 -11.62 -3.12
N HIS B 202 12.12 -11.73 -4.37
CA HIS B 202 12.37 -12.91 -5.19
C HIS B 202 13.62 -12.79 -6.08
N ARG B 203 14.38 -11.70 -5.91
CA ARG B 203 15.66 -11.46 -6.58
C ARG B 203 15.60 -11.61 -8.10
N LEU B 204 14.48 -11.23 -8.70
CA LEU B 204 14.15 -11.64 -10.09
C LEU B 204 15.19 -11.32 -11.16
N TYR B 205 15.82 -10.16 -11.10
CA TYR B 205 16.78 -9.77 -12.16
C TYR B 205 18.20 -9.54 -11.64
N SER B 206 18.52 -10.17 -10.51
CA SER B 206 19.81 -9.98 -9.84
C SER B 206 20.76 -11.11 -10.19
N ARG C 10 -29.09 14.66 8.50
CA ARG C 10 -28.10 15.08 9.54
C ARG C 10 -26.92 14.11 9.60
N ARG C 11 -25.69 14.63 9.52
CA ARG C 11 -24.47 13.81 9.57
C ARG C 11 -24.18 13.27 10.98
N ARG C 12 -23.54 12.09 11.01
CA ARG C 12 -23.27 11.36 12.24
C ARG C 12 -21.76 11.12 12.33
N LEU C 13 -21.12 11.76 13.30
CA LEU C 13 -19.66 11.78 13.39
C LEU C 13 -19.11 10.99 14.58
N GLY C 14 -18.28 10.00 14.30
CA GLY C 14 -17.47 9.33 15.31
C GLY C 14 -16.28 10.17 15.72
N VAL C 15 -15.79 9.98 16.94
CA VAL C 15 -14.60 10.66 17.45
C VAL C 15 -13.84 9.72 18.39
N MET C 16 -12.59 9.40 18.07
CA MET C 16 -11.74 8.56 18.93
C MET C 16 -10.45 9.29 19.29
N GLY C 17 -9.93 9.03 20.48
CA GLY C 17 -8.66 9.65 20.89
C GLY C 17 -7.71 8.71 21.59
N GLY C 18 -6.43 9.11 21.65
CA GLY C 18 -5.42 8.33 22.34
C GLY C 18 -4.00 8.79 22.10
N THR C 19 -3.06 8.12 22.76
CA THR C 19 -1.63 8.34 22.54
C THR C 19 -1.25 7.91 21.11
N PHE C 20 -1.81 6.79 20.66
CA PHE C 20 -1.49 6.20 19.35
C PHE C 20 0.01 6.14 19.19
N ASP C 21 0.63 5.42 20.10
CA ASP C 21 2.09 5.29 20.17
C ASP C 21 2.50 3.82 20.33
N PRO C 22 2.20 2.99 19.33
CA PRO C 22 1.61 3.39 18.05
C PRO C 22 0.13 3.07 17.94
N ILE C 23 -0.52 3.63 16.93
CA ILE C 23 -1.83 3.16 16.48
C ILE C 23 -1.69 1.70 16.02
N HIS C 24 -2.74 0.91 16.23
CA HIS C 24 -2.73 -0.52 15.97
C HIS C 24 -4.12 -0.98 15.55
N ASN C 25 -4.22 -2.25 15.18
CA ASN C 25 -5.45 -2.78 14.60
C ASN C 25 -6.64 -2.84 15.52
N GLY C 26 -6.38 -2.98 16.82
CA GLY C 26 -7.40 -2.79 17.87
C GLY C 26 -8.09 -1.44 17.82
N HIS C 27 -7.30 -0.37 17.79
CA HIS C 27 -7.82 1.00 17.63
C HIS C 27 -8.70 1.13 16.40
N LEU C 28 -8.26 0.54 15.30
CA LEU C 28 -8.89 0.70 14.00
C LEU C 28 -10.13 -0.18 13.83
N VAL C 29 -10.03 -1.43 14.28
CA VAL C 29 -11.17 -2.35 14.21
C VAL C 29 -12.29 -1.91 15.17
N ALA C 30 -11.92 -1.24 16.27
CA ALA C 30 -12.90 -0.62 17.18
C ALA C 30 -13.65 0.54 16.51
N ALA C 31 -12.90 1.46 15.92
CA ALA C 31 -13.49 2.56 15.14
C ALA C 31 -14.37 2.05 13.99
N SER C 32 -13.85 1.07 13.25
CA SER C 32 -14.55 0.50 12.10
C SER C 32 -15.92 -0.11 12.45
N GLU C 33 -15.95 -0.94 13.49
CA GLU C 33 -17.15 -1.69 13.87
C GLU C 33 -18.24 -0.72 14.34
N VAL C 34 -17.85 0.25 15.16
CA VAL C 34 -18.75 1.29 15.66
C VAL C 34 -19.36 2.14 14.53
N ALA C 35 -18.57 2.45 13.51
CA ALA C 35 -19.06 3.22 12.37
C ALA C 35 -20.15 2.49 11.61
N ASP C 36 -20.00 1.18 11.45
CA ASP C 36 -20.93 0.39 10.67
C ASP C 36 -22.22 0.06 11.43
N ARG C 37 -22.08 -0.26 12.72
CA ARG C 37 -23.23 -0.56 13.58
C ARG C 37 -24.17 0.64 13.68
N PHE C 38 -23.60 1.78 14.05
CA PHE C 38 -24.36 3.01 14.29
C PHE C 38 -24.38 3.98 13.11
N ALA C 39 -24.14 3.48 11.90
CA ALA C 39 -24.12 4.29 10.67
C ALA C 39 -23.54 5.71 10.86
N LEU C 40 -22.31 5.75 11.37
CA LEU C 40 -21.55 7.00 11.45
C LEU C 40 -21.00 7.26 10.07
N ASP C 41 -21.15 8.49 9.59
CA ASP C 41 -20.65 8.87 8.26
C ASP C 41 -19.13 9.07 8.24
N GLU C 42 -18.51 9.30 9.41
CA GLU C 42 -17.06 9.56 9.51
C GLU C 42 -16.53 9.45 10.95
N VAL C 43 -15.28 8.98 11.11
CA VAL C 43 -14.61 8.93 12.42
C VAL C 43 -13.35 9.80 12.42
N ILE C 44 -13.23 10.67 13.42
CA ILE C 44 -12.07 11.54 13.58
C ILE C 44 -11.20 10.97 14.67
N PHE C 45 -10.02 10.50 14.28
CA PHE C 45 -9.01 10.09 15.24
C PHE C 45 -8.35 11.35 15.75
N VAL C 46 -8.09 11.42 17.04
CA VAL C 46 -7.59 12.63 17.67
C VAL C 46 -6.43 12.23 18.57
N PRO C 47 -5.21 12.25 18.00
CA PRO C 47 -4.00 12.07 18.80
C PRO C 47 -3.89 13.11 19.91
N THR C 48 -3.29 12.71 21.03
CA THR C 48 -3.21 13.54 22.22
C THR C 48 -1.77 13.98 22.52
N GLY C 49 -1.61 14.93 23.44
CA GLY C 49 -0.29 15.45 23.85
C GLY C 49 0.36 14.64 24.97
N GLY C 56 3.92 8.71 32.52
CA GLY C 56 4.92 7.85 33.14
C GLY C 56 6.24 7.83 32.39
N ARG C 57 6.31 6.97 31.36
CA ARG C 57 7.42 6.96 30.40
C ARG C 57 7.25 8.08 29.38
N LYS C 58 8.27 8.27 28.55
CA LYS C 58 8.29 9.35 27.56
C LYS C 58 7.47 8.98 26.31
N VAL C 59 6.33 9.67 26.14
CA VAL C 59 5.47 9.58 24.96
C VAL C 59 6.21 10.09 23.71
N SER C 60 6.16 9.33 22.60
CA SER C 60 6.82 9.74 21.34
C SER C 60 6.38 11.13 20.89
N PRO C 61 7.27 11.88 20.20
CA PRO C 61 6.91 13.26 19.80
C PRO C 61 5.62 13.30 19.01
N ALA C 62 4.86 14.38 19.22
CA ALA C 62 3.50 14.46 18.73
C ALA C 62 3.39 14.27 17.21
N GLU C 63 4.36 14.79 16.46
CA GLU C 63 4.29 14.72 14.99
C GLU C 63 4.34 13.29 14.48
N HIS C 64 5.17 12.45 15.10
CA HIS C 64 5.27 11.06 14.72
C HIS C 64 3.97 10.29 14.99
N ARG C 65 3.32 10.59 16.12
CA ARG C 65 2.11 9.87 16.55
C ARG C 65 0.92 10.27 15.66
N TYR C 66 0.82 11.57 15.36
CA TYR C 66 -0.11 12.10 14.36
C TYR C 66 0.05 11.52 12.95
N LEU C 67 1.28 11.47 12.45
CA LEU C 67 1.55 10.97 11.09
C LEU C 67 1.38 9.46 10.99
N MET C 68 1.67 8.72 12.06
CA MET C 68 1.36 7.28 12.10
C MET C 68 -0.14 7.03 12.00
N THR C 69 -0.90 7.90 12.61
CA THR C 69 -2.35 7.86 12.60
C THR C 69 -2.90 8.22 11.23
N VAL C 70 -2.27 9.18 10.55
CA VAL C 70 -2.68 9.56 9.19
C VAL C 70 -2.43 8.40 8.22
N ILE C 71 -1.22 7.85 8.26
CA ILE C 71 -0.85 6.70 7.45
C ILE C 71 -1.77 5.50 7.70
N ALA C 72 -2.12 5.28 8.97
CA ALA C 72 -2.96 4.15 9.38
C ALA C 72 -4.40 4.27 8.93
N THR C 73 -4.92 5.51 8.92
CA THR C 73 -6.32 5.79 8.62
C THR C 73 -6.59 6.19 7.18
N ALA C 74 -5.54 6.40 6.38
CA ALA C 74 -5.65 6.91 5.02
C ALA C 74 -6.51 6.07 4.08
N SER C 75 -6.30 4.76 4.10
CA SER C 75 -6.98 3.84 3.17
C SER C 75 -8.47 3.72 3.46
N ASN C 76 -8.89 4.09 4.67
CA ASN C 76 -10.31 4.04 5.03
C ASN C 76 -11.05 5.31 4.59
N PRO C 77 -12.03 5.19 3.67
CA PRO C 77 -12.74 6.38 3.19
C PRO C 77 -13.50 7.19 4.25
N ARG C 78 -13.76 6.62 5.44
CA ARG C 78 -14.47 7.32 6.52
C ARG C 78 -13.60 7.75 7.69
N PHE C 79 -12.33 7.37 7.74
CA PHE C 79 -11.46 7.78 8.85
C PHE C 79 -10.67 9.01 8.48
N THR C 80 -10.72 10.01 9.34
CA THR C 80 -9.94 11.22 9.19
C THR C 80 -9.22 11.50 10.48
N VAL C 81 -8.29 12.43 10.42
CA VAL C 81 -7.40 12.75 11.53
C VAL C 81 -7.43 14.26 11.69
N SER C 82 -7.50 14.70 12.94
CA SER C 82 -7.59 16.12 13.27
C SER C 82 -6.42 16.46 14.17
N ARG C 83 -5.71 17.54 13.84
CA ARG C 83 -4.64 18.05 14.69
C ARG C 83 -5.13 19.13 15.68
N ALA C 84 -6.46 19.23 15.83
CA ALA C 84 -7.10 20.23 16.72
C ALA C 84 -6.68 20.12 18.19
N ASP C 85 -6.35 18.92 18.66
CA ASP C 85 -5.87 18.76 20.04
C ASP C 85 -4.51 19.40 20.24
N ILE C 86 -3.57 19.10 19.35
CA ILE C 86 -2.20 19.62 19.46
C ILE C 86 -2.11 21.10 19.01
N ASP C 87 -2.96 21.51 18.05
CA ASP C 87 -3.14 22.93 17.68
C ASP C 87 -3.65 23.81 18.84
N ARG C 88 -4.49 23.24 19.70
CA ARG C 88 -4.84 23.86 20.98
C ARG C 88 -3.60 23.79 21.89
N GLY C 89 -3.01 22.59 21.98
CA GLY C 89 -1.67 22.41 22.53
C GLY C 89 -1.57 22.35 24.04
N GLY C 90 -0.71 21.47 24.54
CA GLY C 90 -0.34 21.43 25.97
C GLY C 90 -1.06 20.41 26.84
N ALA C 91 -2.39 20.55 26.92
CA ALA C 91 -3.21 19.81 27.90
C ALA C 91 -4.59 19.41 27.35
N THR C 92 -4.69 18.22 26.78
CA THR C 92 -5.93 17.75 26.17
C THR C 92 -6.97 17.36 27.23
N TYR C 93 -8.18 17.88 27.04
CA TYR C 93 -9.37 17.51 27.79
C TYR C 93 -10.48 17.34 26.76
N THR C 94 -11.29 16.29 26.94
CA THR C 94 -12.24 15.87 25.90
C THR C 94 -13.36 16.89 25.59
N VAL C 95 -13.75 17.70 26.58
CA VAL C 95 -14.73 18.79 26.38
C VAL C 95 -14.15 19.84 25.43
N ASP C 96 -12.87 20.16 25.60
CA ASP C 96 -12.15 21.04 24.65
C ASP C 96 -12.24 20.45 23.24
N THR C 97 -11.94 19.15 23.11
CA THR C 97 -11.97 18.42 21.83
C THR C 97 -13.36 18.39 21.16
N LEU C 98 -14.41 18.24 21.97
CA LEU C 98 -15.77 18.07 21.41
C LEU C 98 -16.46 19.38 21.04
N THR C 99 -16.17 20.44 21.79
CA THR C 99 -16.67 21.79 21.46
C THR C 99 -16.07 22.28 20.15
N ASP C 100 -14.78 21.97 19.94
CA ASP C 100 -14.07 22.26 18.69
C ASP C 100 -14.80 21.65 17.49
N LEU C 101 -15.14 20.37 17.63
CA LEU C 101 -15.82 19.62 16.57
C LEU C 101 -17.29 20.06 16.42
N ARG C 102 -17.97 20.29 17.54
CA ARG C 102 -19.33 20.89 17.55
C ARG C 102 -19.36 22.22 16.79
N THR C 103 -18.34 23.06 17.00
CA THR C 103 -18.17 24.28 16.24
C THR C 103 -17.94 23.95 14.76
N ALA C 104 -16.89 23.16 14.50
CA ALA C 104 -16.41 22.88 13.14
C ALA C 104 -17.47 22.25 12.22
N HIS C 105 -18.15 21.21 12.73
CA HIS C 105 -19.26 20.56 12.03
C HIS C 105 -20.57 20.92 12.76
N PRO C 106 -21.14 22.12 12.48
CA PRO C 106 -22.24 22.66 13.29
C PRO C 106 -23.51 21.80 13.32
N ASP C 107 -23.85 21.20 12.17
CA ASP C 107 -25.03 20.35 12.04
C ASP C 107 -24.58 18.90 11.76
N ALA C 108 -23.84 18.35 12.73
CA ALA C 108 -23.40 16.95 12.69
C ALA C 108 -23.41 16.36 14.10
N ASP C 109 -24.18 15.28 14.28
CA ASP C 109 -24.38 14.68 15.59
C ASP C 109 -23.15 13.84 15.95
N LEU C 110 -22.68 14.02 17.19
CA LEU C 110 -21.38 13.49 17.61
C LEU C 110 -21.51 12.15 18.34
N TYR C 111 -20.47 11.33 18.23
CA TYR C 111 -20.38 10.06 18.96
C TYR C 111 -18.92 9.74 19.35
N PHE C 112 -18.58 9.95 20.61
CA PHE C 112 -17.23 9.69 21.12
C PHE C 112 -17.00 8.20 21.40
N ILE C 113 -15.83 7.67 21.02
CA ILE C 113 -15.53 6.22 21.15
C ILE C 113 -14.40 5.98 22.14
N THR C 114 -14.62 4.98 23.00
CA THR C 114 -13.70 4.63 24.08
C THR C 114 -13.73 3.10 24.28
N GLY C 115 -12.60 2.53 24.71
CA GLY C 115 -12.51 1.11 25.02
C GLY C 115 -12.70 0.83 26.49
N ALA C 116 -12.84 -0.44 26.84
CA ALA C 116 -13.22 -0.88 28.19
C ALA C 116 -12.33 -0.30 29.29
N ASP C 117 -11.03 -0.58 29.19
CA ASP C 117 -10.05 -0.10 30.18
C ASP C 117 -10.09 1.40 30.40
N ALA C 118 -10.36 2.16 29.33
CA ALA C 118 -10.43 3.61 29.40
C ALA C 118 -11.72 4.06 30.06
N LEU C 119 -12.85 3.54 29.56
CA LEU C 119 -14.20 3.82 30.08
C LEU C 119 -14.28 3.77 31.60
N ALA C 120 -13.72 2.70 32.17
CA ALA C 120 -13.65 2.53 33.62
C ALA C 120 -13.01 3.72 34.32
N SER C 121 -11.86 4.17 33.80
CA SER C 121 -11.12 5.29 34.40
C SER C 121 -11.77 6.68 34.29
N ILE C 122 -12.92 6.79 33.63
CA ILE C 122 -13.59 8.08 33.46
C ILE C 122 -14.00 8.82 34.77
N LEU C 123 -13.99 8.12 35.92
CA LEU C 123 -14.13 8.76 37.25
C LEU C 123 -12.79 9.27 37.83
N SER C 124 -11.66 8.84 37.26
CA SER C 124 -10.34 9.45 37.53
C SER C 124 -9.98 10.62 36.57
N TRP C 125 -10.79 10.88 35.55
CA TRP C 125 -10.54 11.99 34.61
C TRP C 125 -10.97 13.32 35.24
N GLU C 126 -11.23 14.35 34.42
CA GLU C 126 -11.58 15.68 34.92
C GLU C 126 -12.81 16.25 34.21
N ASN C 127 -13.89 16.43 34.98
CA ASN C 127 -15.12 17.14 34.57
C ASN C 127 -15.99 16.37 33.56
N TRP C 128 -16.26 15.12 33.92
CA TRP C 128 -16.86 14.15 32.99
C TRP C 128 -18.35 14.36 32.64
N GLU C 129 -19.18 14.74 33.62
CA GLU C 129 -20.66 14.75 33.40
C GLU C 129 -21.22 15.93 32.57
N GLN C 130 -20.33 16.72 31.95
CA GLN C 130 -20.69 17.65 30.87
C GLN C 130 -20.54 17.01 29.48
N LEU C 131 -19.76 15.93 29.40
CA LEU C 131 -19.44 15.29 28.12
C LEU C 131 -20.63 14.68 27.39
N PHE C 132 -21.70 14.35 28.13
CA PHE C 132 -22.87 13.64 27.58
C PHE C 132 -23.98 14.55 27.04
N THR C 133 -23.78 15.88 27.14
CA THR C 133 -24.57 16.87 26.38
C THR C 133 -23.83 17.37 25.12
N LEU C 134 -22.56 16.97 24.97
CA LEU C 134 -21.74 17.22 23.77
C LEU C 134 -21.90 16.11 22.74
N ALA C 135 -21.78 14.87 23.20
CA ALA C 135 -21.84 13.67 22.36
C ALA C 135 -22.26 12.43 23.15
N LYS C 136 -22.92 11.50 22.46
CA LYS C 136 -23.31 10.22 23.03
C LYS C 136 -22.14 9.25 22.92
N PHE C 137 -21.70 8.69 24.05
CA PHE C 137 -20.53 7.80 24.10
C PHE C 137 -20.80 6.39 23.56
N ILE C 138 -19.74 5.76 23.04
CA ILE C 138 -19.82 4.37 22.55
C ILE C 138 -18.66 3.55 23.15
N GLY C 139 -18.97 2.77 24.19
CA GLY C 139 -18.00 1.92 24.89
C GLY C 139 -17.80 0.59 24.18
N VAL C 140 -16.56 0.26 23.83
CA VAL C 140 -16.25 -0.96 23.07
C VAL C 140 -15.53 -1.98 23.93
N SER C 141 -15.75 -3.26 23.65
CA SER C 141 -15.07 -4.34 24.36
C SER C 141 -13.57 -4.37 24.08
N ARG C 142 -12.78 -4.83 25.05
CA ARG C 142 -11.35 -5.09 24.87
C ARG C 142 -10.94 -6.30 25.70
N PRO C 143 -10.18 -7.26 25.09
CA PRO C 143 -9.67 -8.39 25.86
C PRO C 143 -8.96 -7.97 27.14
N GLY C 144 -9.10 -8.78 28.18
CA GLY C 144 -8.45 -8.51 29.47
C GLY C 144 -9.10 -7.43 30.34
N TYR C 145 -10.25 -6.90 29.91
CA TYR C 145 -10.97 -5.87 30.66
C TYR C 145 -12.46 -6.12 30.60
N GLU C 146 -13.13 -5.81 31.71
CA GLU C 146 -14.57 -5.98 31.83
C GLU C 146 -15.21 -4.69 31.33
N LEU C 147 -16.29 -4.82 30.57
CA LEU C 147 -16.99 -3.66 30.00
C LEU C 147 -18.04 -3.14 30.99
N SER C 148 -17.70 -2.03 31.66
CA SER C 148 -18.44 -1.51 32.83
C SER C 148 -19.57 -0.54 32.47
N SER C 149 -20.48 -0.32 33.42
CA SER C 149 -21.53 0.73 33.34
C SER C 149 -22.34 0.83 34.63
N GLY C 161 -27.51 8.09 25.08
CA GLY C 161 -26.58 8.64 26.07
C GLY C 161 -25.25 7.90 26.10
N LEU C 162 -25.33 6.59 26.31
CA LEU C 162 -24.15 5.70 26.31
C LEU C 162 -24.57 4.33 25.79
N SER C 163 -23.91 3.87 24.72
CA SER C 163 -24.03 2.50 24.25
C SER C 163 -22.82 1.70 24.67
N LEU C 164 -23.03 0.46 25.11
CA LEU C 164 -21.95 -0.52 25.27
C LEU C 164 -22.07 -1.47 24.09
N VAL C 165 -20.96 -1.74 23.40
CA VAL C 165 -20.96 -2.65 22.24
C VAL C 165 -19.74 -3.57 22.22
N GLU C 166 -19.93 -4.76 21.64
CA GLU C 166 -18.85 -5.70 21.38
C GLU C 166 -18.28 -5.43 20.00
N VAL C 167 -16.96 -5.58 19.89
CA VAL C 167 -16.24 -5.42 18.64
C VAL C 167 -15.31 -6.60 18.54
N PRO C 168 -14.77 -6.92 17.35
CA PRO C 168 -13.86 -8.06 17.26
C PRO C 168 -12.72 -7.99 18.29
N ALA C 169 -12.51 -9.09 19.00
CA ALA C 169 -11.58 -9.14 20.13
C ALA C 169 -10.14 -9.32 19.64
N LEU C 170 -9.40 -8.22 19.60
CA LEU C 170 -7.99 -8.24 19.21
C LEU C 170 -7.17 -7.83 20.40
N ALA C 171 -6.46 -8.79 20.98
CA ALA C 171 -5.65 -8.56 22.17
C ALA C 171 -4.34 -7.88 21.79
N ILE C 172 -4.45 -6.60 21.47
CA ILE C 172 -3.28 -5.81 21.06
C ILE C 172 -3.21 -4.60 21.96
N SER C 173 -2.00 -4.27 22.40
CA SER C 173 -1.73 -3.02 23.12
C SER C 173 -0.50 -2.34 22.50
N SER C 174 -0.47 -1.01 22.58
CA SER C 174 0.67 -0.23 22.09
C SER C 174 1.94 -0.53 22.88
N THR C 175 1.80 -0.61 24.20
CA THR C 175 2.91 -0.95 25.10
C THR C 175 3.60 -2.23 24.65
N ASP C 176 2.83 -3.27 24.39
CA ASP C 176 3.37 -4.51 23.84
C ASP C 176 4.07 -4.29 22.48
N CYS C 177 3.46 -3.48 21.60
CA CYS C 177 4.07 -3.14 20.30
C CYS C 177 5.43 -2.46 20.46
N ARG C 178 5.56 -1.56 21.43
CA ARG C 178 6.84 -0.90 21.73
C ARG C 178 7.91 -1.87 22.25
N ILE C 179 7.51 -2.81 23.11
CA ILE C 179 8.39 -3.87 23.62
C ILE C 179 8.84 -4.84 22.51
N ARG C 180 7.93 -5.19 21.62
CA ARG C 180 8.26 -6.01 20.45
C ARG C 180 9.22 -5.28 19.50
N ALA C 181 8.99 -3.98 19.31
CA ALA C 181 9.86 -3.16 18.45
C ALA C 181 11.23 -2.93 19.09
N GLY C 182 11.25 -2.55 20.37
CA GLY C 182 12.50 -2.39 21.14
C GLY C 182 13.38 -3.63 21.21
N GLN C 183 12.76 -4.82 21.27
CA GLN C 183 13.49 -6.10 21.24
C GLN C 183 13.69 -6.65 19.81
N ALA C 184 13.40 -5.84 18.79
CA ALA C 184 13.45 -6.26 17.38
C ALA C 184 12.61 -7.50 17.03
N ARG C 185 11.48 -7.66 17.74
CA ARG C 185 10.49 -8.70 17.46
C ARG C 185 9.41 -8.09 16.53
N PRO C 186 8.68 -8.92 15.76
CA PRO C 186 7.82 -8.37 14.71
C PRO C 186 6.52 -7.79 15.23
N ILE C 187 6.09 -6.66 14.65
CA ILE C 187 4.76 -6.09 14.93
C ILE C 187 3.78 -6.17 13.73
N TRP C 188 4.14 -7.01 12.75
CA TRP C 188 3.37 -7.22 11.53
C TRP C 188 2.00 -7.78 11.88
N TYR C 189 0.96 -7.25 11.25
CA TYR C 189 -0.42 -7.72 11.42
C TYR C 189 -1.06 -7.37 12.80
N LEU C 190 -0.29 -6.75 13.69
CA LEU C 190 -0.81 -6.07 14.89
C LEU C 190 -1.07 -4.61 14.58
N VAL C 191 -0.09 -3.97 13.94
CA VAL C 191 -0.24 -2.60 13.42
C VAL C 191 -0.36 -2.68 11.89
N PRO C 192 -0.94 -1.66 11.24
CA PRO C 192 -0.95 -1.66 9.77
C PRO C 192 0.46 -1.65 9.14
N ASP C 193 0.59 -2.25 7.95
CA ASP C 193 1.81 -2.22 7.12
C ASP C 193 2.53 -0.86 7.09
N GLY C 194 1.77 0.22 6.93
CA GLY C 194 2.35 1.56 6.91
C GLY C 194 2.98 1.98 8.24
N VAL C 195 2.44 1.49 9.35
CA VAL C 195 3.01 1.79 10.67
C VAL C 195 4.24 0.94 10.90
N VAL C 196 4.19 -0.33 10.50
CA VAL C 196 5.37 -1.20 10.51
C VAL C 196 6.55 -0.50 9.81
N GLN C 197 6.30 0.05 8.62
CA GLN C 197 7.30 0.80 7.86
C GLN C 197 7.72 2.06 8.60
N TYR C 198 6.75 2.85 9.05
CA TYR C 198 7.05 4.14 9.66
C TYR C 198 7.92 3.99 10.93
N VAL C 199 7.62 2.98 11.75
CA VAL C 199 8.36 2.71 12.98
C VAL C 199 9.83 2.33 12.73
N ALA C 200 10.07 1.41 11.78
CA ALA C 200 11.42 0.95 11.45
C ALA C 200 12.24 2.00 10.68
N LYS C 201 11.56 2.90 9.95
CA LYS C 201 12.21 3.96 9.19
C LYS C 201 12.69 5.05 10.11
N HIS C 202 11.81 5.54 10.98
CA HIS C 202 12.13 6.64 11.88
C HIS C 202 12.69 6.21 13.26
N ARG C 203 12.90 4.90 13.45
CA ARG C 203 13.55 4.33 14.64
C ARG C 203 12.81 4.66 15.97
N LEU C 204 11.49 4.65 15.94
CA LEU C 204 10.70 5.25 17.04
C LEU C 204 10.86 4.63 18.45
N TYR C 205 11.16 3.33 18.52
CA TYR C 205 11.26 2.65 19.84
C TYR C 205 12.49 1.74 19.94
N SER C 206 13.56 2.06 19.19
CA SER C 206 14.76 1.20 19.13
C SER C 206 16.01 1.96 19.60
N ARG D 10 22.05 -25.46 8.90
CA ARG D 10 21.15 -25.45 7.69
C ARG D 10 19.90 -24.58 7.92
N ARG D 11 19.45 -23.90 6.86
CA ARG D 11 18.36 -22.90 6.92
C ARG D 11 17.03 -23.45 7.49
N ARG D 12 16.39 -22.66 8.33
CA ARG D 12 15.16 -23.08 9.03
C ARG D 12 13.91 -22.53 8.33
N LEU D 13 13.07 -23.43 7.83
CA LEU D 13 11.99 -23.11 6.93
C LEU D 13 10.62 -23.44 7.53
N GLY D 14 9.80 -22.40 7.74
CA GLY D 14 8.42 -22.57 8.20
C GLY D 14 7.45 -22.90 7.07
N VAL D 15 6.36 -23.60 7.41
CA VAL D 15 5.29 -23.96 6.45
C VAL D 15 3.92 -23.74 7.09
N MET D 16 3.09 -22.90 6.47
CA MET D 16 1.72 -22.67 6.96
C MET D 16 0.72 -23.10 5.92
N GLY D 17 0.20 -24.30 6.08
CA GLY D 17 -0.90 -24.76 5.26
C GLY D 17 -2.21 -24.11 5.68
N GLY D 18 -3.16 -24.04 4.74
CA GLY D 18 -4.47 -23.49 5.05
C GLY D 18 -5.35 -23.37 3.82
N THR D 19 -6.63 -23.15 4.05
CA THR D 19 -7.61 -22.93 2.99
C THR D 19 -7.63 -21.44 2.63
N PHE D 20 -7.52 -20.58 3.63
CA PHE D 20 -7.34 -19.14 3.43
C PHE D 20 -8.47 -18.53 2.61
N ASP D 21 -9.69 -18.61 3.16
CA ASP D 21 -10.89 -18.22 2.44
C ASP D 21 -11.81 -17.34 3.32
N PRO D 22 -11.44 -16.09 3.61
CA PRO D 22 -10.19 -15.47 3.18
C PRO D 22 -9.06 -15.64 4.17
N ILE D 23 -7.85 -15.36 3.70
CA ILE D 23 -6.70 -15.18 4.58
C ILE D 23 -6.97 -13.95 5.48
N HIS D 24 -6.49 -13.98 6.73
CA HIS D 24 -6.75 -12.91 7.69
C HIS D 24 -5.57 -12.72 8.62
N ASN D 25 -5.62 -11.67 9.44
CA ASN D 25 -4.46 -11.27 10.25
C ASN D 25 -4.10 -12.27 11.33
N GLY D 26 -5.08 -13.00 11.83
CA GLY D 26 -4.85 -14.19 12.67
C GLY D 26 -3.90 -15.22 12.08
N HIS D 27 -4.12 -15.58 10.81
CA HIS D 27 -3.21 -16.49 10.10
C HIS D 27 -1.81 -15.89 10.04
N LEU D 28 -1.76 -14.62 9.65
CA LEU D 28 -0.50 -13.96 9.34
C LEU D 28 0.30 -13.66 10.61
N VAL D 29 -0.39 -13.27 11.69
CA VAL D 29 0.29 -12.98 12.96
C VAL D 29 0.84 -14.27 13.60
N ALA D 30 0.17 -15.40 13.38
CA ALA D 30 0.64 -16.69 13.85
C ALA D 30 2.00 -17.06 13.22
N ALA D 31 2.02 -17.16 11.89
CA ALA D 31 3.25 -17.45 11.14
C ALA D 31 4.37 -16.47 11.47
N SER D 32 4.02 -15.20 11.57
CA SER D 32 4.97 -14.15 11.90
C SER D 32 5.64 -14.37 13.27
N GLU D 33 4.84 -14.74 14.27
CA GLU D 33 5.32 -14.93 15.64
C GLU D 33 6.18 -16.17 15.78
N VAL D 34 5.82 -17.23 15.05
CA VAL D 34 6.62 -18.45 15.00
C VAL D 34 8.03 -18.14 14.51
N ALA D 35 8.11 -17.51 13.33
CA ALA D 35 9.38 -17.18 12.70
C ALA D 35 10.32 -16.38 13.61
N ASP D 36 9.78 -15.49 14.44
CA ASP D 36 10.60 -14.76 15.42
C ASP D 36 11.14 -15.68 16.51
N ARG D 37 10.27 -16.48 17.12
CA ARG D 37 10.63 -17.37 18.23
C ARG D 37 11.52 -18.54 17.80
N PHE D 38 11.22 -19.10 16.63
CA PHE D 38 11.99 -20.23 16.06
C PHE D 38 13.09 -19.77 15.10
N ALA D 39 13.40 -18.47 15.09
CA ALA D 39 14.44 -17.89 14.23
C ALA D 39 14.40 -18.40 12.78
N LEU D 40 13.19 -18.59 12.25
CA LEU D 40 13.01 -19.10 10.88
C LEU D 40 13.30 -17.94 9.92
N ASP D 41 13.91 -18.25 8.78
CA ASP D 41 14.27 -17.22 7.78
C ASP D 41 13.33 -17.17 6.57
N GLU D 42 12.39 -18.13 6.48
CA GLU D 42 11.29 -18.08 5.52
C GLU D 42 10.13 -18.92 6.03
N VAL D 43 8.91 -18.47 5.74
CA VAL D 43 7.70 -19.26 5.96
C VAL D 43 6.97 -19.37 4.63
N ILE D 44 6.68 -20.60 4.20
CA ILE D 44 5.91 -20.84 2.98
C ILE D 44 4.44 -20.93 3.36
N PHE D 45 3.60 -20.21 2.64
CA PHE D 45 2.15 -20.32 2.81
C PHE D 45 1.67 -21.27 1.75
N VAL D 46 0.98 -22.32 2.15
CA VAL D 46 0.52 -23.33 1.21
C VAL D 46 -1.00 -23.36 1.19
N PRO D 47 -1.62 -22.62 0.26
CA PRO D 47 -3.05 -22.78 0.04
C PRO D 47 -3.38 -24.22 -0.32
N THR D 48 -4.38 -24.79 0.33
CA THR D 48 -4.85 -26.14 0.00
C THR D 48 -5.67 -26.08 -1.28
N GLY D 49 -5.54 -27.11 -2.12
CA GLY D 49 -6.33 -27.23 -3.35
C GLY D 49 -7.76 -27.68 -3.06
N GLN D 50 -8.59 -27.69 -4.09
CA GLN D 50 -9.99 -28.15 -3.97
C GLN D 50 -10.06 -29.66 -3.76
N ARG D 57 -20.07 -27.65 1.43
CA ARG D 57 -19.01 -26.82 2.00
C ARG D 57 -18.44 -25.84 0.97
N LYS D 58 -19.01 -24.64 0.89
CA LYS D 58 -18.61 -23.63 -0.09
C LYS D 58 -17.21 -23.08 0.18
N VAL D 59 -16.23 -23.51 -0.62
CA VAL D 59 -14.88 -22.98 -0.57
C VAL D 59 -14.63 -22.32 -1.92
N SER D 60 -14.28 -21.03 -1.91
CA SER D 60 -14.03 -20.26 -3.16
C SER D 60 -13.02 -20.98 -4.04
N PRO D 61 -13.12 -20.83 -5.38
CA PRO D 61 -12.15 -21.41 -6.30
C PRO D 61 -10.71 -21.25 -5.81
N ALA D 62 -9.91 -22.30 -5.93
CA ALA D 62 -8.54 -22.28 -5.42
C ALA D 62 -7.69 -21.11 -5.92
N GLU D 63 -7.98 -20.61 -7.13
CA GLU D 63 -7.22 -19.50 -7.68
C GLU D 63 -7.44 -18.21 -6.88
N HIS D 64 -8.69 -17.91 -6.55
CA HIS D 64 -9.00 -16.73 -5.73
C HIS D 64 -8.35 -16.80 -4.36
N ARG D 65 -8.34 -17.99 -3.76
CA ARG D 65 -7.74 -18.21 -2.44
C ARG D 65 -6.23 -18.14 -2.49
N TYR D 66 -5.67 -18.61 -3.60
CA TYR D 66 -4.23 -18.50 -3.88
C TYR D 66 -3.82 -17.03 -4.07
N LEU D 67 -4.63 -16.27 -4.80
CA LEU D 67 -4.33 -14.85 -5.08
C LEU D 67 -4.49 -13.95 -3.85
N MET D 68 -5.49 -14.22 -3.01
CA MET D 68 -5.62 -13.50 -1.73
C MET D 68 -4.39 -13.70 -0.86
N THR D 69 -3.85 -14.91 -0.87
CA THR D 69 -2.70 -15.28 -0.07
C THR D 69 -1.39 -14.65 -0.55
N VAL D 70 -1.21 -14.53 -1.87
CA VAL D 70 -0.05 -13.83 -2.44
C VAL D 70 -0.12 -12.33 -2.09
N ILE D 71 -1.29 -11.75 -2.29
CA ILE D 71 -1.55 -10.34 -1.96
C ILE D 71 -1.36 -10.03 -0.47
N ALA D 72 -1.89 -10.89 0.41
CA ALA D 72 -1.67 -10.79 1.86
C ALA D 72 -0.21 -10.92 2.30
N THR D 73 0.52 -11.83 1.67
CA THR D 73 1.91 -12.16 2.06
C THR D 73 3.00 -11.30 1.38
N ALA D 74 2.62 -10.58 0.32
CA ALA D 74 3.57 -9.83 -0.55
C ALA D 74 4.52 -8.89 0.21
N SER D 75 3.98 -8.13 1.15
CA SER D 75 4.75 -7.11 1.87
C SER D 75 5.72 -7.67 2.91
N ASN D 76 5.59 -8.93 3.31
CA ASN D 76 6.52 -9.54 4.26
C ASN D 76 7.66 -10.22 3.52
N PRO D 77 8.91 -9.89 3.86
CA PRO D 77 10.06 -10.45 3.12
C PRO D 77 10.40 -11.90 3.41
N ARG D 78 9.82 -12.50 4.44
CA ARG D 78 10.05 -13.92 4.74
C ARG D 78 8.91 -14.82 4.33
N PHE D 79 7.77 -14.26 3.91
CA PHE D 79 6.65 -15.09 3.48
C PHE D 79 6.67 -15.26 1.96
N THR D 80 6.49 -16.50 1.52
CA THR D 80 6.34 -16.84 0.11
C THR D 80 5.13 -17.76 -0.01
N VAL D 81 4.62 -17.94 -1.22
CA VAL D 81 3.38 -18.69 -1.45
C VAL D 81 3.60 -19.78 -2.50
N SER D 82 3.84 -21.00 -2.04
CA SER D 82 3.94 -22.18 -2.91
C SER D 82 2.54 -22.61 -3.36
N ARG D 83 2.46 -23.21 -4.55
CA ARG D 83 1.21 -23.79 -5.04
C ARG D 83 1.42 -25.28 -5.36
N ALA D 84 2.20 -25.96 -4.52
CA ALA D 84 2.40 -27.41 -4.64
C ALA D 84 1.07 -28.12 -4.46
N ASP D 85 0.38 -27.82 -3.36
CA ASP D 85 -0.95 -28.38 -3.07
C ASP D 85 -1.98 -28.07 -4.17
N ILE D 86 -1.88 -26.91 -4.82
CA ILE D 86 -2.78 -26.56 -5.93
C ILE D 86 -2.37 -27.25 -7.23
N ASP D 87 -1.07 -27.36 -7.49
CA ASP D 87 -0.56 -28.08 -8.67
C ASP D 87 -0.43 -29.61 -8.48
N ARG D 88 -0.76 -30.11 -7.29
CA ARG D 88 -0.89 -31.56 -7.07
C ARG D 88 -2.23 -32.05 -7.64
N GLY D 89 -3.32 -31.43 -7.19
CA GLY D 89 -4.66 -31.76 -7.68
C GLY D 89 -5.33 -32.87 -6.88
N GLY D 90 -6.66 -32.82 -6.83
CA GLY D 90 -7.47 -33.84 -6.16
C GLY D 90 -7.84 -33.48 -4.73
N ALA D 91 -7.00 -33.94 -3.79
CA ALA D 91 -7.22 -33.75 -2.35
C ALA D 91 -5.89 -33.59 -1.62
N THR D 92 -5.88 -32.77 -0.57
CA THR D 92 -4.65 -32.34 0.09
C THR D 92 -4.33 -33.17 1.33
N TYR D 93 -3.11 -33.69 1.39
CA TYR D 93 -2.57 -34.35 2.58
C TYR D 93 -1.25 -33.71 2.91
N THR D 94 -1.10 -33.26 4.16
CA THR D 94 0.16 -32.65 4.63
C THR D 94 1.40 -33.53 4.39
N VAL D 95 1.23 -34.85 4.45
CA VAL D 95 2.31 -35.81 4.16
C VAL D 95 2.86 -35.65 2.73
N ASP D 96 1.96 -35.47 1.75
CA ASP D 96 2.37 -35.19 0.38
C ASP D 96 3.12 -33.85 0.29
N THR D 97 2.61 -32.84 1.00
CA THR D 97 3.18 -31.49 0.98
C THR D 97 4.61 -31.43 1.55
N LEU D 98 4.88 -32.17 2.62
CA LEU D 98 6.22 -32.18 3.23
C LEU D 98 7.25 -32.92 2.38
N THR D 99 6.83 -33.93 1.61
CA THR D 99 7.72 -34.59 0.63
C THR D 99 8.00 -33.69 -0.59
N ASP D 100 7.02 -32.91 -1.03
CA ASP D 100 7.22 -31.89 -2.07
C ASP D 100 8.23 -30.84 -1.62
N LEU D 101 7.96 -30.26 -0.45
CA LEU D 101 8.85 -29.23 0.11
C LEU D 101 10.24 -29.80 0.48
N ARG D 102 10.32 -31.09 0.79
CA ARG D 102 11.62 -31.80 0.90
C ARG D 102 12.32 -31.91 -0.47
N THR D 103 11.56 -32.20 -1.53
CA THR D 103 12.09 -32.16 -2.91
C THR D 103 12.60 -30.76 -3.23
N ALA D 104 11.74 -29.77 -3.05
CA ALA D 104 12.02 -28.38 -3.38
C ALA D 104 13.11 -27.74 -2.51
N HIS D 105 13.15 -28.12 -1.23
CA HIS D 105 14.09 -27.54 -0.26
C HIS D 105 14.69 -28.67 0.60
N PRO D 106 15.58 -29.48 0.02
CA PRO D 106 16.20 -30.59 0.75
C PRO D 106 17.23 -30.13 1.79
N ASP D 107 17.85 -28.98 1.56
CA ASP D 107 18.85 -28.43 2.48
C ASP D 107 18.30 -27.93 3.83
N ALA D 108 17.01 -27.61 3.90
CA ALA D 108 16.44 -26.92 5.08
C ALA D 108 15.70 -27.85 6.04
N ASP D 109 15.70 -27.48 7.32
CA ASP D 109 14.86 -28.11 8.35
C ASP D 109 13.46 -27.49 8.30
N LEU D 110 12.44 -28.34 8.13
CA LEU D 110 11.05 -27.87 8.04
C LEU D 110 10.41 -27.72 9.43
N TYR D 111 9.44 -26.81 9.51
CA TYR D 111 8.62 -26.62 10.70
C TYR D 111 7.20 -26.26 10.26
N PHE D 112 6.29 -27.22 10.29
CA PHE D 112 4.88 -26.98 9.94
C PHE D 112 4.18 -26.18 11.06
N ILE D 113 3.41 -25.17 10.66
CA ILE D 113 2.71 -24.25 11.57
C ILE D 113 1.20 -24.47 11.47
N THR D 114 0.55 -24.56 12.62
CA THR D 114 -0.85 -25.03 12.72
C THR D 114 -1.50 -24.48 13.99
N GLY D 115 -2.78 -24.13 13.92
CA GLY D 115 -3.47 -23.49 15.06
C GLY D 115 -4.01 -24.49 16.07
N ALA D 116 -4.46 -23.98 17.22
CA ALA D 116 -5.01 -24.84 18.27
C ALA D 116 -6.15 -25.74 17.78
N ASP D 117 -7.05 -25.18 16.97
CA ASP D 117 -8.16 -25.95 16.37
C ASP D 117 -7.67 -27.01 15.39
N ALA D 118 -6.61 -26.68 14.64
CA ALA D 118 -6.06 -27.62 13.66
C ALA D 118 -5.22 -28.72 14.31
N LEU D 119 -4.42 -28.36 15.31
CA LEU D 119 -3.65 -29.33 16.10
C LEU D 119 -4.57 -30.31 16.79
N ALA D 120 -5.69 -29.79 17.33
CA ALA D 120 -6.76 -30.64 17.89
C ALA D 120 -7.30 -31.70 16.93
N SER D 121 -7.40 -31.36 15.63
CA SER D 121 -7.90 -32.29 14.61
C SER D 121 -6.84 -33.23 14.00
N ILE D 122 -5.60 -33.15 14.47
CA ILE D 122 -4.46 -33.78 13.76
C ILE D 122 -4.52 -35.31 13.70
N LEU D 123 -5.12 -35.94 14.72
CA LEU D 123 -5.26 -37.40 14.75
C LEU D 123 -6.19 -37.92 13.64
N SER D 124 -7.19 -37.11 13.27
CA SER D 124 -8.11 -37.45 12.18
C SER D 124 -7.51 -37.39 10.78
N TRP D 125 -6.28 -36.86 10.66
CA TRP D 125 -5.63 -36.72 9.37
C TRP D 125 -4.97 -38.03 8.92
N GLU D 126 -5.11 -38.31 7.63
CA GLU D 126 -4.51 -39.47 6.98
C GLU D 126 -3.00 -39.46 7.15
N ASN D 127 -2.46 -40.58 7.64
CA ASN D 127 -1.02 -40.79 7.78
C ASN D 127 -0.35 -39.80 8.75
N TRP D 128 -1.07 -39.44 9.82
CA TRP D 128 -0.61 -38.41 10.76
C TRP D 128 0.67 -38.79 11.53
N GLU D 129 0.89 -40.10 11.70
CA GLU D 129 2.04 -40.60 12.45
C GLU D 129 3.36 -40.32 11.72
N GLN D 130 3.32 -40.43 10.39
CA GLN D 130 4.48 -40.14 9.53
C GLN D 130 4.93 -38.68 9.58
N LEU D 131 4.01 -37.76 9.84
CA LEU D 131 4.26 -36.32 9.81
C LEU D 131 5.48 -35.82 10.60
N PHE D 132 5.83 -36.51 11.69
CA PHE D 132 6.87 -36.03 12.63
C PHE D 132 8.33 -36.34 12.25
N THR D 133 8.57 -37.32 11.38
CA THR D 133 9.92 -37.53 10.78
C THR D 133 10.25 -36.53 9.67
N LEU D 134 9.21 -36.07 8.98
CA LEU D 134 9.36 -35.13 7.85
C LEU D 134 9.67 -33.72 8.36
N ALA D 135 9.01 -33.33 9.44
CA ALA D 135 9.18 -32.01 10.04
C ALA D 135 8.68 -31.99 11.48
N LYS D 136 9.14 -31.01 12.26
CA LYS D 136 8.55 -30.71 13.55
C LYS D 136 7.24 -29.97 13.32
N PHE D 137 6.38 -29.95 14.33
CA PHE D 137 5.15 -29.13 14.30
C PHE D 137 5.25 -28.00 15.32
N ILE D 138 4.52 -26.91 15.07
CA ILE D 138 4.44 -25.78 15.99
C ILE D 138 2.97 -25.36 16.16
N GLY D 139 2.32 -25.91 17.17
CA GLY D 139 0.96 -25.52 17.54
C GLY D 139 0.88 -24.12 18.12
N VAL D 140 0.05 -23.25 17.53
CA VAL D 140 -0.13 -21.87 18.01
C VAL D 140 -1.48 -21.70 18.68
N SER D 141 -1.54 -20.81 19.67
CA SER D 141 -2.77 -20.50 20.39
C SER D 141 -3.78 -19.77 19.48
N ARG D 142 -5.06 -20.15 19.61
CA ARG D 142 -6.17 -19.46 18.96
C ARG D 142 -7.29 -19.13 19.97
N PRO D 143 -7.91 -17.93 19.90
CA PRO D 143 -9.03 -17.64 20.79
C PRO D 143 -10.23 -18.52 20.46
N GLY D 144 -10.95 -18.95 21.50
CA GLY D 144 -12.07 -19.90 21.35
C GLY D 144 -11.71 -21.38 21.32
N TYR D 145 -10.42 -21.73 21.38
CA TYR D 145 -9.96 -23.12 21.39
C TYR D 145 -8.80 -23.28 22.38
N GLU D 146 -8.66 -24.48 22.92
CA GLU D 146 -7.58 -24.79 23.88
C GLU D 146 -6.41 -25.47 23.16
N LEU D 147 -5.24 -24.84 23.25
CA LEU D 147 -4.02 -25.42 22.72
C LEU D 147 -3.48 -26.48 23.70
N SER D 148 -3.34 -27.71 23.20
CA SER D 148 -2.96 -28.87 24.01
C SER D 148 -2.18 -29.88 23.15
N GLY D 161 9.81 -32.45 18.59
CA GLY D 161 8.84 -33.05 17.68
C GLY D 161 7.61 -32.17 17.48
N LEU D 162 7.01 -31.73 18.59
CA LEU D 162 5.88 -30.79 18.59
C LEU D 162 6.14 -29.72 19.63
N SER D 163 6.05 -28.45 19.23
CA SER D 163 6.23 -27.31 20.14
C SER D 163 4.94 -26.52 20.27
N LEU D 164 4.72 -25.95 21.44
CA LEU D 164 3.55 -25.10 21.70
C LEU D 164 4.03 -23.70 22.11
N VAL D 165 3.52 -22.68 21.42
CA VAL D 165 3.88 -21.29 21.73
C VAL D 165 2.62 -20.43 21.63
N GLU D 166 2.55 -19.43 22.50
CA GLU D 166 1.46 -18.47 22.51
C GLU D 166 1.74 -17.39 21.48
N VAL D 167 0.74 -17.10 20.65
CA VAL D 167 0.78 -15.99 19.69
C VAL D 167 -0.31 -14.99 20.08
N PRO D 168 -0.29 -13.76 19.49
CA PRO D 168 -1.29 -12.79 19.91
C PRO D 168 -2.72 -13.26 19.67
N ALA D 169 -3.60 -12.99 20.64
CA ALA D 169 -4.97 -13.46 20.60
C ALA D 169 -5.75 -12.51 19.70
N LEU D 170 -6.02 -12.96 18.49
CA LEU D 170 -6.84 -12.21 17.53
C LEU D 170 -8.02 -13.11 17.19
N ALA D 171 -9.16 -12.84 17.81
CA ALA D 171 -10.34 -13.68 17.64
C ALA D 171 -10.95 -13.38 16.27
N ILE D 172 -10.35 -13.96 15.25
CA ILE D 172 -10.73 -13.70 13.86
C ILE D 172 -10.94 -15.06 13.22
N SER D 173 -12.01 -15.17 12.46
CA SER D 173 -12.27 -16.37 11.69
C SER D 173 -12.71 -15.99 10.30
N SER D 174 -12.35 -16.84 9.34
CA SER D 174 -12.70 -16.64 7.93
C SER D 174 -14.21 -16.77 7.73
N THR D 175 -14.83 -17.66 8.50
CA THR D 175 -16.26 -17.83 8.46
C THR D 175 -16.95 -16.53 8.88
N ASP D 176 -16.47 -15.92 9.97
CA ASP D 176 -16.98 -14.62 10.38
C ASP D 176 -16.77 -13.54 9.30
N CYS D 177 -15.61 -13.55 8.64
CA CYS D 177 -15.32 -12.60 7.55
C CYS D 177 -16.22 -12.82 6.33
N ARG D 178 -16.41 -14.08 5.92
CA ARG D 178 -17.30 -14.39 4.79
C ARG D 178 -18.73 -13.90 5.09
N ILE D 179 -19.18 -14.08 6.32
CA ILE D 179 -20.48 -13.55 6.75
C ILE D 179 -20.50 -12.02 6.58
N ARG D 180 -19.50 -11.35 7.13
CA ARG D 180 -19.43 -9.88 7.13
C ARG D 180 -19.49 -9.27 5.74
N ALA D 181 -18.66 -9.78 4.84
CA ALA D 181 -18.66 -9.39 3.43
C ALA D 181 -20.04 -9.61 2.82
N GLY D 182 -20.55 -10.84 2.99
CA GLY D 182 -21.89 -11.19 2.54
C GLY D 182 -22.97 -10.21 2.97
N GLN D 183 -22.88 -9.75 4.23
CA GLN D 183 -23.84 -8.78 4.79
C GLN D 183 -23.46 -7.32 4.54
N ALA D 184 -22.47 -7.05 3.68
CA ALA D 184 -21.85 -5.73 3.52
C ALA D 184 -21.43 -5.05 4.84
N ARG D 185 -20.87 -5.85 5.75
CA ARG D 185 -20.31 -5.35 7.03
C ARG D 185 -18.79 -5.33 6.90
N PRO D 186 -18.11 -4.45 7.67
CA PRO D 186 -16.69 -4.22 7.41
C PRO D 186 -15.79 -5.38 7.86
N ILE D 187 -14.84 -5.71 7.01
CA ILE D 187 -13.73 -6.62 7.33
C ILE D 187 -12.37 -5.90 7.39
N TRP D 188 -12.38 -4.56 7.32
CA TRP D 188 -11.18 -3.77 7.55
C TRP D 188 -10.52 -4.15 8.88
N TYR D 189 -9.20 -4.35 8.87
CA TYR D 189 -8.37 -4.59 10.08
C TYR D 189 -8.47 -6.02 10.66
N LEU D 190 -9.39 -6.83 10.14
CA LEU D 190 -9.43 -8.27 10.36
C LEU D 190 -8.63 -8.98 9.28
N VAL D 191 -8.69 -8.45 8.05
CA VAL D 191 -7.92 -8.97 6.93
C VAL D 191 -7.01 -7.84 6.37
N PRO D 192 -5.91 -8.19 5.68
CA PRO D 192 -5.04 -7.15 5.09
C PRO D 192 -5.79 -6.23 4.11
N ASP D 193 -5.34 -4.99 3.95
CA ASP D 193 -6.00 -4.02 3.05
C ASP D 193 -6.21 -4.55 1.64
N GLY D 194 -5.20 -5.22 1.10
CA GLY D 194 -5.30 -5.87 -0.20
C GLY D 194 -6.35 -6.95 -0.29
N VAL D 195 -6.66 -7.61 0.82
CA VAL D 195 -7.74 -8.62 0.84
C VAL D 195 -9.11 -7.97 0.87
N VAL D 196 -9.24 -6.86 1.61
CA VAL D 196 -10.48 -6.08 1.62
C VAL D 196 -10.83 -5.69 0.19
N GLN D 197 -9.85 -5.15 -0.53
CA GLN D 197 -10.03 -4.69 -1.90
C GLN D 197 -10.37 -5.85 -2.83
N TYR D 198 -9.57 -6.91 -2.78
CA TYR D 198 -9.77 -8.09 -3.64
C TYR D 198 -11.12 -8.78 -3.43
N VAL D 199 -11.56 -8.87 -2.18
CA VAL D 199 -12.87 -9.45 -1.85
C VAL D 199 -14.00 -8.58 -2.40
N ALA D 200 -13.86 -7.26 -2.27
CA ALA D 200 -14.88 -6.31 -2.74
C ALA D 200 -15.00 -6.32 -4.26
N LYS D 201 -13.84 -6.24 -4.91
CA LYS D 201 -13.74 -6.17 -6.38
C LYS D 201 -14.33 -7.42 -7.05
N HIS D 202 -13.89 -8.58 -6.59
CA HIS D 202 -14.37 -9.86 -7.13
C HIS D 202 -15.73 -10.35 -6.55
N ARG D 203 -16.27 -9.66 -5.54
CA ARG D 203 -17.58 -9.98 -4.92
C ARG D 203 -17.67 -11.42 -4.42
N LEU D 204 -16.60 -11.88 -3.76
CA LEU D 204 -16.40 -13.32 -3.53
C LEU D 204 -17.40 -14.00 -2.60
N TYR D 205 -18.01 -13.24 -1.68
CA TYR D 205 -18.91 -13.82 -0.66
C TYR D 205 -20.28 -13.16 -0.57
N SER D 206 -20.62 -12.31 -1.55
CA SER D 206 -21.83 -11.51 -1.51
C SER D 206 -22.72 -11.80 -2.74
N GLY D 207 -22.91 -13.09 -3.03
CA GLY D 207 -23.72 -13.53 -4.17
C GLY D 207 -23.08 -13.24 -5.51
PN DND E . 7.13 24.74 -7.56
O11 DND E . 5.92 25.57 -7.41
O12 DND E . 7.58 24.67 -8.99
O3P DND E . 6.74 23.28 -7.08
O5D DND E . 8.35 25.30 -6.69
C5D DND E . 9.65 24.67 -6.81
C4D DND E . 10.55 25.18 -5.71
O4D DND E . 11.05 26.48 -6.06
C3D DND E . 9.89 25.31 -4.33
O3D DND E . 10.74 24.79 -3.32
C2D DND E . 9.71 26.82 -4.19
O2D DND E . 9.74 27.28 -2.84
C1D DND E . 10.94 27.30 -4.94
N1N DND E . 10.86 28.74 -5.39
C6N DND E . 9.94 29.10 -6.31
C5N DND E . 9.73 30.44 -6.55
C4N DND E . 10.46 31.40 -5.87
C3N DND E . 11.43 30.99 -4.95
C2N DND E . 11.63 29.64 -4.74
C7N DND E . 12.21 31.97 -4.15
O7N DND E . 13.04 31.61 -3.34
O8N DND E . 11.96 33.20 -4.40
PA DND E . 6.17 22.03 -7.90
O13 DND E . 5.40 21.17 -6.99
O14 DND E . 5.34 22.59 -9.02
O5B DND E . 7.42 21.28 -8.45
C5B DND E . 8.40 20.73 -7.55
C4B DND E . 9.67 20.48 -8.31
O4B DND E . 9.53 19.31 -9.13
C3B DND E . 10.09 21.63 -9.23
O3B DND E . 11.48 21.88 -9.05
C2B DND E . 9.70 21.11 -10.63
O2B DND E . 10.53 21.62 -11.65
C1B DND E . 9.93 19.61 -10.46
N9A DND E . 9.16 18.76 -11.37
C4A DND E . 9.61 17.69 -12.11
N3A DND E . 10.88 17.30 -12.26
C2A DND E . 10.96 16.26 -13.10
N1A DND E . 9.98 15.63 -13.75
C6A DND E . 8.70 16.05 -13.56
C5A DND E . 8.50 17.14 -12.69
N7A DND E . 7.35 17.85 -12.36
C8A DND E . 7.81 18.80 -11.58
N6A DND E . 7.73 15.41 -14.18
PN DND F . 4.82 -7.78 -25.51
O11 DND F . 5.79 -8.86 -25.24
O12 DND F . 5.30 -6.69 -26.41
O3P DND F . 4.42 -7.09 -24.12
O5D DND F . 3.50 -8.39 -26.16
C5D DND F . 2.29 -7.61 -26.18
C4D DND F . 1.22 -8.54 -26.66
O4D DND F . 1.48 -8.91 -28.03
C3D DND F . 1.10 -9.85 -25.87
O3D DND F . -0.24 -10.13 -25.54
C2D DND F . 1.63 -10.90 -26.84
O2D DND F . 0.99 -12.16 -26.70
C1D DND F . 1.21 -10.27 -28.15
N1N DND F . 1.92 -10.82 -29.38
C6N DND F . 3.20 -10.50 -29.67
C5N DND F . 3.83 -11.10 -30.73
C4N DND F . 3.14 -12.03 -31.50
C3N DND F . 1.82 -12.34 -31.18
C2N DND F . 1.22 -11.70 -30.11
C7N DND F . 1.03 -13.35 -31.96
O7N DND F . -0.14 -13.58 -31.69
O8N DND F . 1.67 -13.93 -32.92
PA DND F . 5.06 -5.95 -23.20
O13 DND F . 5.16 -6.45 -21.82
O14 DND F . 6.41 -5.54 -23.74
O5B DND F . 4.09 -4.73 -23.40
C5B DND F . 2.68 -4.78 -23.16
C4B DND F . 1.97 -3.76 -24.02
O4B DND F . 2.12 -2.44 -23.44
C3B DND F . 2.47 -3.67 -25.46
O3B DND F . 1.37 -3.42 -26.33
C2B DND F . 3.42 -2.47 -25.40
O2B DND F . 3.49 -1.82 -26.65
C1B DND F . 2.71 -1.58 -24.39
N9A DND F . 3.58 -0.63 -23.68
C4A DND F . 3.31 0.69 -23.37
N3A DND F . 2.20 1.38 -23.66
C2A DND F . 2.26 2.62 -23.17
N1A DND F . 3.26 3.20 -22.49
C6A DND F . 4.36 2.48 -22.22
C5A DND F . 4.41 1.15 -22.67
N7A DND F . 5.36 0.15 -22.53
C8A DND F . 4.82 -0.89 -23.15
N6A DND F . 5.34 3.05 -21.52
PN DND G . -5.60 6.47 26.23
O11 DND G . -4.35 6.56 27.02
O12 DND G . -6.42 5.31 26.81
O3P DND G . -5.28 6.18 24.69
O5D DND G . -6.55 7.80 26.08
C5D DND G . -7.85 7.58 25.49
C4D DND G . -8.69 8.83 25.51
O4D DND G . -8.97 9.20 26.86
C3D DND G . -8.09 10.06 24.81
O3D DND G . -9.04 10.62 23.90
C2D DND G . -7.83 11.03 25.96
O2D DND G . -8.04 12.40 25.57
C1D DND G . -8.91 10.59 26.96
N1N DND G . -8.62 10.98 28.41
C6N DND G . -7.85 10.19 29.18
C5N DND G . -7.54 10.57 30.47
C4N DND G . -8.02 11.78 30.95
C3N DND G . -8.82 12.59 30.14
C2N DND G . -9.13 12.14 28.87
C7N DND G . -9.32 13.90 30.63
O7N DND G . -10.04 14.64 29.93
O8N DND G . -8.95 14.22 31.83
PA DND G . -4.80 4.88 23.90
O13 DND G . -4.09 5.30 22.67
O14 DND G . -3.91 4.09 24.84
O5B DND G . -6.08 4.07 23.47
C5B DND G . -7.09 4.68 22.65
C4B DND G . -8.44 4.06 22.90
O4B DND G . -8.51 2.75 22.28
C3B DND G . -8.82 3.86 24.37
O3B DND G . -10.18 4.23 24.56
C2B DND G . -8.59 2.36 24.59
O2B DND G . -9.45 1.84 25.61
C1B DND G . -8.94 1.79 23.21
N9A DND G . -8.31 0.52 22.87
C4A DND G . -8.95 -0.63 22.45
N3A DND G . -10.27 -0.82 22.29
C2A DND G . -10.52 -2.06 21.85
N1A DND G . -9.66 -3.04 21.58
C6A DND G . -8.34 -2.81 21.74
C5A DND G . -7.94 -1.55 22.20
N7A DND G . -6.69 -0.99 22.45
C8A DND G . -6.97 0.23 22.85
N6A DND G . -7.49 -3.81 21.47
PN DND H . -7.60 -25.33 7.29
O11 DND H . -8.79 -25.49 6.40
O12 DND H . -8.01 -25.47 8.74
O3P DND H . -7.06 -23.83 7.13
O5D DND H . -6.38 -26.38 7.00
C5D DND H . -5.23 -26.36 7.86
C4D DND H . -4.19 -27.33 7.38
O4D DND H . -4.57 -28.69 7.73
C3D DND H . -3.93 -27.35 5.87
O3D DND H . -2.53 -27.45 5.63
C2D DND H . -4.65 -28.62 5.41
O2D DND H . -4.07 -29.19 4.23
C1D DND H . -4.36 -29.50 6.61
N1N DND H . -5.26 -30.73 6.71
C6N DND H . -6.58 -30.56 6.90
C5N DND H . -7.43 -31.65 6.79
C4N DND H . -6.91 -32.90 6.51
C3N DND H . -5.53 -33.05 6.34
C2N DND H . -4.71 -31.94 6.47
C7N DND H . -4.93 -34.38 5.99
O7N DND H . -3.72 -34.51 5.85
O8N DND H . -5.78 -35.35 5.87
PA DND H . -7.51 -22.42 7.70
O13 DND H . -7.46 -21.43 6.60
O14 DND H . -8.94 -22.51 8.20
O5B DND H . -6.49 -22.07 8.86
C5B DND H . -5.08 -22.03 8.62
C4B DND H . -4.32 -22.42 9.87
O4B DND H . -4.26 -21.29 10.76
C3B DND H . -4.91 -23.58 10.68
O3B DND H . -3.85 -24.38 11.22
C2B DND H . -5.70 -22.86 11.77
O2B DND H . -5.78 -23.58 13.00
C1B DND H . -4.87 -21.59 12.00
N9A DND H . -5.62 -20.43 12.44
C4A DND H . -5.26 -19.52 13.40
N3A DND H . -4.14 -19.54 14.15
C2A DND H . -4.11 -18.50 14.99
N1A DND H . -5.02 -17.53 15.15
C6A DND H . -6.14 -17.55 14.38
C5A DND H . -6.27 -18.59 13.44
N7A DND H . -7.25 -18.89 12.51
C8A DND H . -6.83 -19.99 11.95
N6A DND H . -7.05 -16.59 14.57
#